data_6WY5
#
_entry.id   6WY5
#
_cell.length_a   107.902
_cell.length_b   107.902
_cell.length_c   240.141
_cell.angle_alpha   90.000
_cell.angle_beta   90.000
_cell.angle_gamma   90.000
#
_symmetry.space_group_name_H-M   'P 43 21 2'
#
loop_
_entity.id
_entity.type
_entity.pdbx_description
1 polymer 'Myeloperoxidase light chain'
2 polymer 'Myeloperoxidase heavy chain'
3 branched 2-acetamido-2-deoxy-beta-D-glucopyranose-(1-4)-2-acetamido-2-deoxy-beta-D-glucopyranose
4 branched alpha-D-mannopyranose-(1-3)-[alpha-D-mannopyranose-(1-6)]beta-D-mannopyranose-(1-4)-2-acetamido-2-deoxy-beta-D-glucopyranose-(1-4)-[alpha-L-fucopyranose-(1-6)]2-acetamido-2-deoxy-beta-D-glucopyranose
5 non-polymer 'HEME C'
6 non-polymer 'CHLORIDE ION'
7 non-polymer 'CALCIUM ION'
8 non-polymer 7-[(1R)-1-phenyl-3-{[(1S,3S)-3-phenyl-2,3-dihydro-1H-inden-1-yl]amino}propyl]-3H-[1,2,3]triazolo[4,5-b]pyridin-5-amine
9 non-polymer 2-acetamido-2-deoxy-beta-D-glucopyranose
#
loop_
_entity_poly.entity_id
_entity_poly.type
_entity_poly.pdbx_seq_one_letter_code
_entity_poly.pdbx_strand_id
1 'polypeptide(L)'
;CPEQDKYRTITGMCNNRRSPTLGASNRAFVRWLPAEYEDGFSLPYGWTPGVKRNGFPVALARAVSNEIVRFPTDQLTPDQ
ERSLMFMQWGQLLDHDLDFTPEPAA
;
A,D
2 'polypeptide(L)'
;VNCETSCVQQPPCFPLKIPPNDPRIKNQADCIPFFRS(CSO)PACPGSNITIRNQINALTSFVDASMVYGSEEPLARNLR
NMSNQLGLLAVNQRFQDNGRALLPFDNLHDDPCLLTNRSARIPCFLAGDTRSSEMPELTSMHTLLLREHNRLATELKSLN
PRWDGERLYQEARKIVGAMVQIITYRDYLPLVLGPTAMRKYLPTYRSYNDSVDPRIANVFTNAFRYGHTLIQPFMFRLDN
RYQPMEPNPRVPLSRVFFASWRVVLEGGIDPILRGLMATPAKLNRQNQIAVDEIRERLFEQVMRIGLDLPALNMQRSRDH
GLPGYNAWRRFCGLPQPETVGQLGTVLRNLKLARKLMEQYGTPNNIDIWMGGVSEPLKRKGRVGPLLACIIGTQFRKLRD
GDRFWWENEGVFSMQQRQALAQISLPRIICDNTGITTVSKNNIFMSNSYPRDFVNCSTLPALNLASWREAS
;
B,E
#
# COMPACT_ATOMS: atom_id res chain seq x y z
N CYS A 1 7.21 -22.97 1.65
CA CYS A 1 7.51 -22.49 0.29
C CYS A 1 8.55 -23.40 -0.38
N PRO A 2 8.10 -24.39 -1.17
CA PRO A 2 9.05 -25.33 -1.79
C PRO A 2 10.03 -24.70 -2.76
N GLU A 3 11.25 -25.26 -2.82
CA GLU A 3 12.36 -24.77 -3.64
C GLU A 3 12.15 -25.02 -5.13
N GLN A 4 11.44 -26.09 -5.49
CA GLN A 4 11.17 -26.40 -6.89
C GLN A 4 9.73 -26.92 -6.98
N ASP A 5 8.94 -26.38 -7.92
CA ASP A 5 7.55 -26.81 -8.09
C ASP A 5 7.14 -26.77 -9.56
N LYS A 6 6.28 -27.69 -9.98
CA LYS A 6 5.84 -27.74 -11.37
C LYS A 6 4.45 -27.11 -11.58
N TYR A 7 3.63 -27.06 -10.52
CA TYR A 7 2.28 -26.56 -10.67
C TYR A 7 1.91 -25.47 -9.70
N ARG A 8 0.89 -24.71 -10.05
CA ARG A 8 0.36 -23.67 -9.21
C ARG A 8 -0.27 -24.29 -7.97
N THR A 9 -0.26 -23.55 -6.85
CA THR A 9 -1.00 -24.00 -5.68
C THR A 9 -2.46 -23.62 -5.97
N ILE A 10 -3.40 -24.24 -5.24
CA ILE A 10 -4.81 -23.91 -5.43
C ILE A 10 -5.07 -22.45 -4.98
N THR A 11 -4.43 -22.02 -3.87
CA THR A 11 -4.63 -20.69 -3.29
C THR A 11 -3.79 -19.56 -3.87
N GLY A 12 -2.80 -19.87 -4.69
CA GLY A 12 -1.92 -18.83 -5.23
C GLY A 12 -0.74 -18.53 -4.34
N MET A 13 -0.72 -19.11 -3.12
CA MET A 13 0.35 -19.00 -2.13
C MET A 13 1.62 -19.57 -2.78
N CYS A 14 2.73 -18.84 -2.70
CA CYS A 14 4.03 -19.25 -3.23
C CYS A 14 4.29 -18.89 -4.69
N ASN A 15 3.37 -18.17 -5.37
CA ASN A 15 3.66 -17.78 -6.77
C ASN A 15 4.80 -16.75 -6.74
N ASN A 16 4.74 -15.78 -5.81
CA ASN A 16 5.85 -14.85 -5.61
C ASN A 16 6.58 -15.43 -4.44
N ARG A 17 7.80 -15.89 -4.62
CA ARG A 17 8.55 -16.51 -3.54
C ARG A 17 9.01 -15.52 -2.50
N ARG A 18 9.25 -14.24 -2.88
CA ARG A 18 9.71 -13.17 -1.98
C ARG A 18 8.58 -12.72 -1.06
N SER A 19 7.38 -12.58 -1.62
CA SER A 19 6.19 -12.23 -0.84
C SER A 19 5.17 -13.32 -1.17
N PRO A 20 5.26 -14.50 -0.51
CA PRO A 20 4.39 -15.63 -0.85
C PRO A 20 2.90 -15.40 -1.02
N THR A 21 2.30 -14.44 -0.31
CA THR A 21 0.86 -14.20 -0.39
C THR A 21 0.41 -13.30 -1.52
N LEU A 22 1.33 -12.73 -2.31
CA LEU A 22 0.91 -11.81 -3.36
C LEU A 22 0.16 -12.56 -4.45
N GLY A 23 -1.12 -12.24 -4.57
CA GLY A 23 -1.97 -12.92 -5.54
C GLY A 23 -2.79 -14.05 -4.94
N ALA A 24 -2.44 -14.50 -3.74
CA ALA A 24 -3.16 -15.55 -3.04
C ALA A 24 -4.56 -15.11 -2.60
N SER A 25 -5.46 -16.10 -2.39
CA SER A 25 -6.85 -15.86 -2.01
C SER A 25 -7.03 -15.50 -0.54
N ASN A 26 -8.10 -14.74 -0.23
CA ASN A 26 -8.45 -14.32 1.13
C ASN A 26 -7.38 -13.47 1.77
N ARG A 27 -7.05 -12.37 1.10
CA ARG A 27 -6.06 -11.37 1.48
C ARG A 27 -6.59 -10.01 0.99
N ALA A 28 -6.20 -8.93 1.68
CA ALA A 28 -6.64 -7.59 1.30
C ALA A 28 -6.16 -7.12 -0.09
N PHE A 29 -7.01 -6.34 -0.80
CA PHE A 29 -6.64 -5.77 -2.08
C PHE A 29 -5.45 -4.82 -1.91
N VAL A 30 -4.68 -4.61 -2.99
CA VAL A 30 -3.65 -3.59 -2.97
C VAL A 30 -4.41 -2.25 -3.22
N ARG A 31 -3.82 -1.12 -2.85
CA ARG A 31 -4.44 0.18 -3.10
C ARG A 31 -3.55 1.00 -3.95
N TRP A 32 -4.07 1.46 -5.10
CA TRP A 32 -3.30 2.35 -5.95
C TRP A 32 -3.39 3.83 -5.49
N LEU A 33 -4.40 4.20 -4.69
CA LEU A 33 -4.51 5.53 -4.09
C LEU A 33 -5.01 5.33 -2.64
N PRO A 34 -4.79 6.26 -1.68
CA PRO A 34 -5.31 6.05 -0.33
C PRO A 34 -6.82 6.22 -0.31
N ALA A 35 -7.47 5.54 0.62
CA ALA A 35 -8.92 5.61 0.74
C ALA A 35 -9.44 6.96 1.21
N GLU A 36 -10.63 7.31 0.73
CA GLU A 36 -11.32 8.53 1.13
C GLU A 36 -12.60 8.12 1.79
N TYR A 37 -12.62 8.21 3.09
CA TYR A 37 -13.78 7.89 3.89
C TYR A 37 -14.21 9.16 4.57
N GLU A 38 -15.47 9.24 4.85
CA GLU A 38 -16.08 10.34 5.55
C GLU A 38 -15.36 10.69 6.85
N ASP A 39 -14.95 9.70 7.67
CA ASP A 39 -14.20 9.96 8.91
C ASP A 39 -12.69 9.75 8.79
N GLY A 40 -12.19 9.63 7.57
CA GLY A 40 -10.76 9.40 7.35
C GLY A 40 -10.34 7.95 7.31
N PHE A 41 -11.09 7.02 7.96
CA PHE A 41 -10.63 5.63 8.00
C PHE A 41 -11.68 4.51 7.83
N SER A 42 -13.01 4.77 7.93
CA SER A 42 -14.00 3.67 7.83
C SER A 42 -15.37 4.05 7.29
N LEU A 43 -15.99 5.13 7.74
CA LEU A 43 -17.34 5.50 7.32
C LEU A 43 -17.34 5.94 5.87
N PRO A 44 -18.24 5.38 5.05
CA PRO A 44 -18.26 5.74 3.62
C PRO A 44 -18.94 7.07 3.36
N TYR A 45 -18.53 7.82 2.30
CA TYR A 45 -19.23 9.08 1.98
C TYR A 45 -20.71 8.83 1.72
N GLY A 46 -21.56 9.67 2.29
CA GLY A 46 -23.01 9.46 2.21
C GLY A 46 -23.55 8.72 3.42
N TRP A 47 -22.70 8.45 4.42
CA TRP A 47 -23.12 7.78 5.64
C TRP A 47 -23.83 8.77 6.58
N THR A 48 -23.19 9.89 6.90
CA THR A 48 -23.75 10.88 7.81
C THR A 48 -24.51 11.96 7.10
N PRO A 49 -25.80 12.12 7.46
CA PRO A 49 -26.61 13.17 6.84
C PRO A 49 -26.03 14.54 7.09
N GLY A 50 -25.97 15.35 6.04
CA GLY A 50 -25.44 16.71 6.13
C GLY A 50 -23.95 16.85 5.87
N VAL A 51 -23.20 15.74 5.96
CA VAL A 51 -21.76 15.75 5.72
C VAL A 51 -21.42 15.77 4.25
N LYS A 52 -20.95 16.94 3.78
CA LYS A 52 -20.55 17.19 2.39
C LYS A 52 -19.26 16.42 2.02
N ARG A 53 -19.00 16.28 0.71
CA ARG A 53 -17.77 15.67 0.24
C ARG A 53 -17.13 16.70 -0.66
N ASN A 54 -15.90 17.11 -0.33
CA ASN A 54 -15.14 18.09 -1.11
C ASN A 54 -15.92 19.37 -1.39
N GLY A 55 -16.74 19.77 -0.44
CA GLY A 55 -17.54 20.99 -0.59
C GLY A 55 -18.87 20.86 -1.28
N PHE A 56 -19.28 19.64 -1.61
CA PHE A 56 -20.56 19.42 -2.29
C PHE A 56 -21.33 18.28 -1.65
N PRO A 57 -22.65 18.44 -1.42
CA PRO A 57 -23.43 17.34 -0.86
C PRO A 57 -23.33 16.07 -1.69
N VAL A 58 -23.42 14.92 -1.02
CA VAL A 58 -23.24 13.66 -1.68
C VAL A 58 -24.51 13.25 -2.40
N ALA A 59 -24.40 12.97 -3.70
CA ALA A 59 -25.57 12.52 -4.48
C ALA A 59 -25.93 11.05 -4.15
N LEU A 60 -27.23 10.76 -4.00
CA LEU A 60 -27.72 9.41 -3.74
C LEU A 60 -27.40 8.54 -4.95
N ALA A 61 -26.80 7.37 -4.75
CA ALA A 61 -26.41 6.49 -5.86
C ALA A 61 -27.58 6.16 -6.79
N ARG A 62 -28.76 5.96 -6.23
CA ARG A 62 -29.95 5.66 -7.01
C ARG A 62 -30.41 6.90 -7.83
N ALA A 63 -30.21 8.12 -7.30
CA ALA A 63 -30.51 9.37 -8.02
C ALA A 63 -29.57 9.52 -9.22
N VAL A 64 -28.29 9.14 -9.06
CA VAL A 64 -27.34 9.20 -10.17
C VAL A 64 -27.74 8.18 -11.24
N SER A 65 -28.10 6.96 -10.80
CA SER A 65 -28.55 5.92 -11.68
C SER A 65 -29.79 6.38 -12.47
N ASN A 66 -30.72 7.05 -11.78
CA ASN A 66 -31.96 7.55 -12.36
C ASN A 66 -31.81 8.64 -13.36
N GLU A 67 -30.92 9.60 -13.09
CA GLU A 67 -30.79 10.77 -13.96
C GLU A 67 -29.74 10.62 -15.06
N ILE A 68 -28.79 9.68 -14.89
CA ILE A 68 -27.71 9.51 -15.86
C ILE A 68 -27.75 8.15 -16.59
N VAL A 69 -28.10 7.05 -15.88
CA VAL A 69 -28.06 5.70 -16.44
C VAL A 69 -29.36 5.25 -17.13
N ARG A 70 -30.52 5.52 -16.51
CA ARG A 70 -31.86 5.14 -17.02
C ARG A 70 -32.05 5.50 -18.49
N PHE A 71 -32.52 4.55 -19.30
CA PHE A 71 -32.81 4.81 -20.72
C PHE A 71 -33.97 3.91 -21.24
N PRO A 72 -34.70 4.33 -22.31
CA PRO A 72 -35.80 3.47 -22.80
C PRO A 72 -35.24 2.22 -23.48
N THR A 73 -35.53 1.04 -22.91
CA THR A 73 -35.04 -0.24 -23.42
C THR A 73 -35.44 -0.51 -24.90
N ASP A 74 -36.39 0.29 -25.44
CA ASP A 74 -36.83 0.25 -26.84
C ASP A 74 -35.71 0.75 -27.79
N GLN A 75 -34.95 1.76 -27.32
CA GLN A 75 -33.84 2.49 -27.98
C GLN A 75 -32.45 1.80 -27.89
N LEU A 76 -32.35 0.52 -27.49
CA LEU A 76 -31.05 -0.15 -27.36
C LEU A 76 -30.26 -0.19 -28.68
N THR A 77 -29.00 0.24 -28.63
CA THR A 77 -28.14 0.20 -29.81
C THR A 77 -27.24 -1.02 -29.74
N PRO A 78 -27.35 -1.93 -30.71
CA PRO A 78 -26.52 -3.14 -30.68
C PRO A 78 -25.13 -2.90 -31.25
N ASP A 79 -24.09 -3.37 -30.53
CA ASP A 79 -22.70 -3.28 -30.95
C ASP A 79 -22.47 -4.10 -32.22
N GLN A 80 -22.46 -3.42 -33.39
CA GLN A 80 -22.24 -4.03 -34.68
C GLN A 80 -20.84 -4.66 -34.86
N GLU A 81 -19.99 -4.62 -33.82
CA GLU A 81 -18.64 -5.19 -33.92
C GLU A 81 -18.29 -6.20 -32.84
N ARG A 82 -19.22 -6.53 -31.92
CA ARG A 82 -19.01 -7.51 -30.85
C ARG A 82 -20.23 -8.35 -30.56
N SER A 83 -19.98 -9.61 -30.17
CA SER A 83 -21.02 -10.58 -29.86
C SER A 83 -21.31 -10.64 -28.36
N LEU A 84 -22.43 -11.24 -27.95
CA LEU A 84 -22.78 -11.42 -26.55
C LEU A 84 -21.75 -12.28 -25.80
N MET A 85 -20.91 -13.03 -26.53
CA MET A 85 -19.83 -13.85 -26.00
C MET A 85 -18.78 -12.93 -25.38
N PHE A 86 -18.51 -11.75 -26.00
CA PHE A 86 -17.59 -10.73 -25.50
C PHE A 86 -18.00 -10.29 -24.10
N MET A 87 -19.31 -10.15 -23.87
CA MET A 87 -19.83 -9.78 -22.56
C MET A 87 -19.57 -10.94 -21.58
N GLN A 88 -20.05 -12.15 -21.91
CA GLN A 88 -19.96 -13.34 -21.06
C GLN A 88 -18.53 -13.72 -20.69
N TRP A 89 -17.58 -13.63 -21.64
CA TRP A 89 -16.18 -13.92 -21.32
C TRP A 89 -15.64 -12.93 -20.27
N GLY A 90 -16.12 -11.70 -20.29
CA GLY A 90 -15.74 -10.71 -19.29
C GLY A 90 -16.16 -11.09 -17.88
N GLN A 91 -17.44 -11.51 -17.70
CA GLN A 91 -17.91 -11.92 -16.38
C GLN A 91 -17.21 -13.17 -15.91
N LEU A 92 -16.97 -14.14 -16.82
CA LEU A 92 -16.23 -15.36 -16.47
C LEU A 92 -14.79 -14.99 -16.00
N LEU A 93 -14.11 -14.14 -16.78
CA LEU A 93 -12.78 -13.69 -16.45
C LEU A 93 -12.79 -12.91 -15.12
N ASP A 94 -13.77 -12.03 -14.91
CA ASP A 94 -13.90 -11.28 -13.65
C ASP A 94 -13.97 -12.24 -12.44
N HIS A 95 -14.59 -13.41 -12.64
CA HIS A 95 -14.78 -14.41 -11.60
C HIS A 95 -13.56 -15.33 -11.37
N ASP A 96 -12.47 -15.08 -12.12
CA ASP A 96 -11.15 -15.68 -11.97
C ASP A 96 -10.23 -14.73 -11.13
N LEU A 97 -10.53 -13.42 -11.16
CA LEU A 97 -9.70 -12.40 -10.56
C LEU A 97 -10.15 -11.95 -9.20
N ASP A 98 -11.46 -11.65 -9.03
CA ASP A 98 -11.88 -11.09 -7.75
C ASP A 98 -13.32 -11.37 -7.31
N PHE A 99 -13.49 -11.46 -5.96
CA PHE A 99 -14.75 -11.65 -5.27
C PHE A 99 -14.59 -10.95 -3.93
N THR A 100 -15.44 -9.97 -3.63
CA THR A 100 -15.34 -9.20 -2.40
C THR A 100 -16.42 -9.64 -1.47
N PRO A 101 -16.09 -10.49 -0.49
CA PRO A 101 -17.12 -10.95 0.43
C PRO A 101 -17.75 -9.87 1.32
N GLU A 102 -18.97 -10.14 1.76
CA GLU A 102 -19.71 -9.34 2.72
C GLU A 102 -20.24 -10.30 3.80
N PRO A 103 -20.67 -9.83 4.99
CA PRO A 103 -21.19 -10.76 6.00
C PRO A 103 -22.64 -11.27 5.71
N ALA A 104 -23.32 -11.94 6.70
CA ALA A 104 -24.71 -12.41 6.52
C ALA A 104 -25.49 -12.50 7.87
N ASN B 2 -30.08 -6.49 10.19
CA ASN B 2 -30.43 -7.39 9.06
C ASN B 2 -30.63 -6.58 7.76
N CYS B 3 -29.62 -6.56 6.85
CA CYS B 3 -29.69 -5.73 5.65
C CYS B 3 -30.62 -6.26 4.58
N GLU B 4 -30.96 -7.57 4.64
CA GLU B 4 -31.86 -8.18 3.68
C GLU B 4 -33.24 -7.54 3.81
N THR B 5 -33.70 -7.30 5.06
CA THR B 5 -35.04 -6.77 5.32
C THR B 5 -35.17 -5.37 5.93
N SER B 6 -34.13 -4.87 6.58
CA SER B 6 -34.24 -3.57 7.25
C SER B 6 -33.74 -2.39 6.42
N CYS B 7 -34.19 -1.19 6.79
CA CYS B 7 -33.81 0.09 6.19
C CYS B 7 -32.91 0.94 7.10
N VAL B 8 -32.67 0.50 8.33
CA VAL B 8 -31.88 1.22 9.30
C VAL B 8 -30.41 1.15 8.95
N GLN B 9 -29.75 2.32 8.93
CA GLN B 9 -28.33 2.39 8.66
C GLN B 9 -27.56 2.15 9.95
N GLN B 10 -27.22 0.89 10.22
CA GLN B 10 -26.41 0.45 11.36
C GLN B 10 -25.48 -0.61 10.77
N PRO B 11 -24.22 -0.64 11.18
CA PRO B 11 -23.29 -1.65 10.67
C PRO B 11 -23.81 -3.10 10.81
N PRO B 12 -23.59 -3.97 9.81
CA PRO B 12 -22.83 -3.73 8.57
C PRO B 12 -23.69 -3.26 7.40
N CYS B 13 -24.85 -2.70 7.68
CA CYS B 13 -25.79 -2.30 6.65
C CYS B 13 -25.50 -0.89 6.16
N PHE B 14 -25.55 -0.69 4.84
CA PHE B 14 -25.38 0.64 4.23
C PHE B 14 -26.41 0.76 3.09
N PRO B 15 -27.72 0.76 3.44
CA PRO B 15 -28.74 0.80 2.39
C PRO B 15 -28.70 2.05 1.53
N LEU B 16 -29.20 1.88 0.30
CA LEU B 16 -29.30 2.96 -0.68
C LEU B 16 -30.64 3.67 -0.46
N LYS B 17 -30.63 4.94 0.01
CA LYS B 17 -31.85 5.72 0.25
C LYS B 17 -32.59 6.01 -1.09
N ILE B 18 -33.93 6.11 -1.04
CA ILE B 18 -34.73 6.33 -2.26
C ILE B 18 -35.01 7.81 -2.54
N PRO B 19 -34.67 8.27 -3.76
CA PRO B 19 -34.91 9.67 -4.10
C PRO B 19 -36.37 9.97 -4.40
N PRO B 20 -36.74 11.26 -4.30
CA PRO B 20 -38.12 11.64 -4.59
C PRO B 20 -38.44 11.42 -6.05
N ASN B 21 -39.71 11.04 -6.33
CA ASN B 21 -40.19 10.77 -7.68
C ASN B 21 -39.33 9.70 -8.37
N ASP B 22 -39.10 8.59 -7.68
CA ASP B 22 -38.34 7.50 -8.25
C ASP B 22 -39.25 6.82 -9.27
N PRO B 23 -38.73 6.48 -10.47
CA PRO B 23 -39.57 5.82 -11.49
C PRO B 23 -40.22 4.50 -11.08
N ARG B 24 -39.54 3.69 -10.24
CA ARG B 24 -40.07 2.39 -9.83
C ARG B 24 -40.50 2.35 -8.37
N ILE B 25 -39.70 2.97 -7.49
CA ILE B 25 -39.96 2.93 -6.06
C ILE B 25 -40.68 4.21 -5.56
N LYS B 26 -41.99 4.11 -5.38
CA LYS B 26 -42.78 5.27 -4.93
C LYS B 26 -42.70 5.47 -3.41
N ASN B 27 -42.50 4.38 -2.65
CA ASN B 27 -42.38 4.44 -1.20
C ASN B 27 -40.99 4.97 -0.85
N GLN B 28 -40.91 6.19 -0.30
CA GLN B 28 -39.62 6.76 0.05
C GLN B 28 -39.02 6.14 1.32
N ALA B 29 -39.84 5.43 2.16
CA ALA B 29 -39.35 4.77 3.39
C ALA B 29 -38.61 3.44 3.15
N ASP B 30 -38.72 2.92 1.93
CA ASP B 30 -38.01 1.72 1.50
C ASP B 30 -36.55 2.08 1.13
N CYS B 31 -35.79 1.09 0.68
CA CYS B 31 -34.37 1.25 0.34
C CYS B 31 -33.96 0.12 -0.62
N ILE B 32 -32.72 0.19 -1.12
CA ILE B 32 -32.16 -0.89 -1.88
C ILE B 32 -31.14 -1.56 -0.93
N PRO B 33 -31.34 -2.85 -0.60
CA PRO B 33 -30.47 -3.51 0.39
C PRO B 33 -28.98 -3.54 0.03
N PHE B 34 -28.14 -3.31 1.04
CA PHE B 34 -26.70 -3.30 0.81
C PHE B 34 -25.92 -3.65 2.06
N PHE B 35 -25.07 -4.68 1.96
CA PHE B 35 -24.17 -5.10 3.03
C PHE B 35 -22.81 -4.49 2.73
N ARG B 36 -22.17 -3.81 3.68
CA ARG B 36 -20.83 -3.28 3.45
C ARG B 36 -19.86 -4.45 3.32
N SER B 37 -18.89 -4.36 2.41
CA SER B 37 -17.89 -5.41 2.22
C SER B 37 -17.12 -5.65 3.53
N PRO B 39 -14.41 -5.91 6.24
CA PRO B 39 -13.11 -5.26 6.33
C PRO B 39 -11.98 -6.29 6.51
N ALA B 40 -10.77 -5.95 6.05
CA ALA B 40 -9.61 -6.84 6.23
C ALA B 40 -9.24 -6.94 7.73
N CYS B 41 -9.45 -5.86 8.44
CA CYS B 41 -9.13 -5.72 9.84
C CYS B 41 -10.39 -5.33 10.64
N PRO B 42 -11.28 -6.29 10.91
CA PRO B 42 -12.52 -5.96 11.63
C PRO B 42 -12.36 -5.15 12.90
N GLY B 43 -13.17 -4.09 13.02
CA GLY B 43 -13.18 -3.19 14.16
C GLY B 43 -11.82 -2.68 14.57
N SER B 44 -11.24 -1.76 13.79
CA SER B 44 -9.93 -1.21 14.12
C SER B 44 -9.94 0.28 14.01
N ASN B 45 -9.31 0.95 14.96
CA ASN B 45 -9.22 2.41 14.93
C ASN B 45 -7.83 2.90 14.45
N ILE B 46 -6.99 1.99 13.88
CA ILE B 46 -5.61 2.29 13.47
C ILE B 46 -5.43 2.18 11.97
N THR B 47 -6.06 1.16 11.40
CA THR B 47 -5.89 0.86 10.00
C THR B 47 -6.99 1.50 9.20
N ILE B 48 -6.65 1.98 7.99
CA ILE B 48 -7.65 2.58 7.10
C ILE B 48 -8.37 1.44 6.42
N ARG B 49 -9.68 1.32 6.64
CA ARG B 49 -10.51 0.27 6.10
C ARG B 49 -10.22 -0.12 4.67
N ASN B 50 -9.97 -1.41 4.46
CA ASN B 50 -9.73 -2.02 3.16
C ASN B 50 -10.54 -3.33 3.08
N GLN B 51 -10.82 -3.77 1.87
CA GLN B 51 -11.64 -4.93 1.65
C GLN B 51 -10.81 -6.17 1.25
N ILE B 52 -11.46 -7.36 1.15
CA ILE B 52 -10.77 -8.62 0.86
C ILE B 52 -11.07 -9.21 -0.54
N ASN B 53 -10.06 -9.79 -1.19
CA ASN B 53 -10.28 -10.54 -2.41
C ASN B 53 -10.26 -11.99 -1.97
N ALA B 54 -11.38 -12.70 -2.09
CA ALA B 54 -11.47 -14.11 -1.69
C ALA B 54 -10.87 -15.11 -2.70
N LEU B 55 -10.37 -14.58 -3.85
CA LEU B 55 -9.89 -15.41 -4.95
C LEU B 55 -8.42 -15.15 -5.32
N THR B 56 -7.81 -16.05 -6.11
CA THR B 56 -6.47 -15.83 -6.61
C THR B 56 -6.59 -14.78 -7.72
N SER B 57 -5.77 -13.74 -7.67
CA SER B 57 -5.80 -12.69 -8.68
C SER B 57 -5.39 -13.22 -10.05
N PHE B 58 -4.47 -14.20 -10.06
CA PHE B 58 -3.95 -14.85 -11.25
C PHE B 58 -5.03 -15.25 -12.23
N VAL B 59 -4.70 -15.29 -13.54
CA VAL B 59 -5.63 -15.82 -14.53
C VAL B 59 -5.21 -17.30 -14.60
N ASP B 60 -5.67 -18.06 -13.62
CA ASP B 60 -5.29 -19.46 -13.41
C ASP B 60 -6.46 -20.41 -13.48
N ALA B 61 -7.57 -19.99 -14.10
CA ALA B 61 -8.84 -20.71 -14.15
C ALA B 61 -9.32 -21.09 -12.73
N SER B 62 -9.11 -20.18 -11.74
CA SER B 62 -9.55 -20.39 -10.35
C SER B 62 -11.06 -20.49 -10.23
N MET B 63 -11.81 -20.00 -11.23
CA MET B 63 -13.27 -20.12 -11.26
C MET B 63 -13.70 -21.56 -11.63
N VAL B 64 -12.75 -22.45 -11.96
CA VAL B 64 -13.00 -23.85 -12.32
C VAL B 64 -12.49 -24.77 -11.22
N TYR B 65 -11.30 -24.49 -10.70
CA TYR B 65 -10.64 -25.32 -9.69
C TYR B 65 -10.79 -24.87 -8.23
N GLY B 66 -11.10 -23.60 -8.00
CA GLY B 66 -11.25 -23.08 -6.65
C GLY B 66 -10.02 -22.32 -6.17
N SER B 67 -10.21 -21.43 -5.20
CA SER B 67 -9.09 -20.67 -4.66
C SER B 67 -8.70 -21.13 -3.23
N GLU B 68 -9.34 -22.20 -2.69
CA GLU B 68 -9.10 -22.76 -1.35
C GLU B 68 -9.06 -24.29 -1.43
N GLU B 69 -8.09 -24.93 -0.74
CA GLU B 69 -7.85 -26.37 -0.77
C GLU B 69 -9.07 -27.26 -0.48
N PRO B 70 -9.95 -27.01 0.51
CA PRO B 70 -11.10 -27.93 0.72
C PRO B 70 -12.14 -27.91 -0.40
N LEU B 71 -12.41 -26.75 -1.02
CA LEU B 71 -13.34 -26.68 -2.14
C LEU B 71 -12.72 -27.40 -3.36
N ALA B 72 -11.44 -27.16 -3.61
CA ALA B 72 -10.69 -27.74 -4.71
C ALA B 72 -10.76 -29.26 -4.75
N ARG B 73 -10.61 -29.94 -3.60
CA ARG B 73 -10.67 -31.40 -3.49
C ARG B 73 -12.09 -31.86 -3.75
N ASN B 74 -13.08 -31.16 -3.19
CA ASN B 74 -14.49 -31.50 -3.37
C ASN B 74 -14.98 -31.27 -4.82
N LEU B 75 -14.20 -30.55 -5.63
CA LEU B 75 -14.53 -30.38 -7.04
C LEU B 75 -13.98 -31.55 -7.90
N ARG B 76 -13.10 -32.39 -7.36
CA ARG B 76 -12.50 -33.49 -8.12
C ARG B 76 -13.20 -34.85 -7.89
N ASN B 77 -13.00 -35.81 -8.83
CA ASN B 77 -13.51 -37.18 -8.77
C ASN B 77 -12.38 -37.96 -8.07
N MET B 78 -12.60 -38.31 -6.79
CA MET B 78 -11.57 -39.01 -6.02
C MET B 78 -11.77 -40.56 -5.96
N SER B 79 -12.84 -41.07 -6.59
CA SER B 79 -13.13 -42.50 -6.60
C SER B 79 -12.21 -43.31 -7.53
N ASN B 80 -11.51 -42.63 -8.45
CA ASN B 80 -10.62 -43.25 -9.44
C ASN B 80 -9.34 -42.42 -9.65
N GLN B 81 -8.34 -43.00 -10.34
CA GLN B 81 -7.06 -42.34 -10.61
C GLN B 81 -7.04 -41.73 -12.02
N LEU B 82 -8.16 -41.12 -12.45
CA LEU B 82 -8.24 -40.54 -13.79
C LEU B 82 -7.84 -39.05 -13.86
N GLY B 83 -7.93 -38.34 -12.74
CA GLY B 83 -7.63 -36.91 -12.68
C GLY B 83 -8.77 -36.03 -13.15
N LEU B 84 -10.01 -36.54 -13.04
CA LEU B 84 -11.20 -35.82 -13.49
C LEU B 84 -11.77 -34.87 -12.40
N LEU B 85 -12.66 -33.96 -12.81
CA LEU B 85 -13.35 -33.05 -11.90
C LEU B 85 -14.84 -33.41 -11.93
N ALA B 86 -15.43 -33.61 -10.74
CA ALA B 86 -16.81 -34.00 -10.47
C ALA B 86 -17.86 -33.51 -11.49
N VAL B 87 -18.73 -34.43 -11.92
CA VAL B 87 -19.83 -34.27 -12.88
C VAL B 87 -21.17 -34.54 -12.20
N ASN B 88 -22.22 -33.76 -12.54
CA ASN B 88 -23.53 -33.95 -11.90
C ASN B 88 -24.06 -35.37 -12.02
N GLN B 89 -24.16 -36.07 -10.89
CA GLN B 89 -24.62 -37.45 -10.84
C GLN B 89 -26.13 -37.60 -11.00
N ARG B 90 -26.85 -36.53 -11.42
CA ARG B 90 -28.29 -36.56 -11.59
C ARG B 90 -28.72 -36.22 -13.02
N PHE B 91 -28.07 -35.23 -13.66
CA PHE B 91 -28.46 -34.80 -15.02
C PHE B 91 -27.31 -34.72 -16.02
N GLN B 92 -27.63 -34.85 -17.32
CA GLN B 92 -26.67 -34.74 -18.41
C GLN B 92 -27.24 -33.89 -19.54
N ASP B 93 -26.41 -33.00 -20.15
CA ASP B 93 -26.82 -32.16 -21.28
C ASP B 93 -26.74 -33.01 -22.56
N ASN B 94 -27.77 -33.85 -22.79
CA ASN B 94 -27.85 -34.75 -23.93
C ASN B 94 -26.59 -35.65 -24.02
N GLY B 95 -26.28 -36.30 -22.91
CA GLY B 95 -25.12 -37.18 -22.83
C GLY B 95 -23.88 -36.50 -22.28
N ARG B 96 -23.71 -35.21 -22.56
CA ARG B 96 -22.55 -34.46 -22.11
C ARG B 96 -22.62 -34.08 -20.60
N ALA B 97 -21.46 -33.82 -20.00
CA ALA B 97 -21.34 -33.50 -18.58
C ALA B 97 -21.99 -32.18 -18.16
N LEU B 98 -22.52 -32.14 -16.92
CA LEU B 98 -23.14 -30.96 -16.33
C LEU B 98 -22.52 -30.66 -14.94
N LEU B 99 -22.56 -29.39 -14.46
CA LEU B 99 -21.97 -29.09 -13.16
C LEU B 99 -22.71 -29.80 -12.05
N PRO B 100 -21.98 -30.32 -11.05
CA PRO B 100 -22.66 -30.95 -9.92
C PRO B 100 -23.38 -29.91 -9.04
N PHE B 101 -24.46 -30.31 -8.38
CA PHE B 101 -25.26 -29.41 -7.56
C PHE B 101 -24.56 -29.06 -6.23
N ASP B 102 -25.01 -27.98 -5.60
CA ASP B 102 -24.46 -27.51 -4.34
C ASP B 102 -25.48 -27.61 -3.20
N ASN B 103 -25.01 -28.05 -2.03
CA ASN B 103 -25.83 -28.18 -0.83
C ASN B 103 -25.97 -26.84 -0.11
N LEU B 104 -27.05 -26.07 -0.38
CA LEU B 104 -27.23 -24.77 0.26
C LEU B 104 -28.41 -24.73 1.23
N HIS B 105 -28.28 -24.00 2.35
CA HIS B 105 -29.34 -23.89 3.37
C HIS B 105 -30.57 -23.16 2.79
N ASP B 106 -30.38 -21.96 2.25
CA ASP B 106 -31.46 -21.24 1.62
C ASP B 106 -31.07 -21.08 0.16
N ASP B 107 -31.30 -22.12 -0.63
CA ASP B 107 -30.93 -22.13 -2.04
C ASP B 107 -31.77 -21.14 -2.86
N PRO B 108 -31.10 -20.16 -3.49
CA PRO B 108 -31.83 -19.16 -4.30
C PRO B 108 -32.27 -19.68 -5.67
N CYS B 109 -31.58 -20.69 -6.22
CA CYS B 109 -31.97 -21.28 -7.51
C CYS B 109 -33.29 -22.05 -7.46
N LEU B 110 -33.66 -22.53 -6.29
CA LEU B 110 -34.94 -23.19 -6.10
C LEU B 110 -36.11 -22.17 -6.20
N LEU B 111 -35.85 -20.87 -5.93
CA LEU B 111 -36.84 -19.80 -5.94
C LEU B 111 -37.23 -19.29 -7.34
N THR B 112 -36.48 -19.69 -8.38
CA THR B 112 -36.73 -19.25 -9.75
C THR B 112 -37.88 -19.98 -10.43
N ASN B 113 -38.01 -21.29 -10.18
CA ASN B 113 -39.12 -22.12 -10.63
C ASN B 113 -39.46 -22.90 -9.37
N ARG B 114 -40.49 -22.45 -8.65
CA ARG B 114 -40.93 -23.02 -7.38
C ARG B 114 -41.34 -24.50 -7.42
N SER B 115 -41.45 -25.11 -8.61
CA SER B 115 -41.82 -26.52 -8.72
C SER B 115 -40.75 -27.39 -9.40
N ALA B 116 -39.74 -26.77 -10.04
CA ALA B 116 -38.73 -27.54 -10.76
C ALA B 116 -37.74 -28.28 -9.85
N ARG B 117 -37.59 -27.85 -8.57
CA ARG B 117 -36.69 -28.50 -7.58
C ARG B 117 -35.28 -28.65 -8.14
N ILE B 118 -34.74 -27.53 -8.65
CA ILE B 118 -33.44 -27.37 -9.31
C ILE B 118 -32.48 -26.51 -8.49
N PRO B 119 -31.49 -27.11 -7.80
CA PRO B 119 -30.59 -26.29 -6.96
C PRO B 119 -29.44 -25.60 -7.72
N CYS B 120 -28.58 -24.82 -7.01
CA CYS B 120 -27.47 -24.14 -7.68
C CYS B 120 -26.39 -25.13 -8.07
N PHE B 121 -25.51 -24.69 -8.97
CA PHE B 121 -24.37 -25.50 -9.38
C PHE B 121 -23.15 -25.16 -8.52
N LEU B 122 -22.29 -26.14 -8.34
CA LEU B 122 -21.05 -26.04 -7.57
C LEU B 122 -19.87 -25.92 -8.54
N ALA B 123 -19.06 -24.88 -8.38
CA ALA B 123 -17.92 -24.63 -9.26
C ALA B 123 -16.76 -23.92 -8.50
N GLY B 124 -15.60 -23.71 -9.13
CA GLY B 124 -14.47 -23.03 -8.51
C GLY B 124 -14.80 -21.67 -7.92
N ASP B 125 -15.84 -21.04 -8.47
CA ASP B 125 -16.31 -19.76 -7.99
C ASP B 125 -17.79 -19.90 -7.66
N THR B 126 -18.19 -19.38 -6.51
CA THR B 126 -19.55 -19.46 -6.00
C THR B 126 -20.63 -18.76 -6.83
N ARG B 127 -20.27 -18.02 -7.87
CA ARG B 127 -21.29 -17.30 -8.66
C ARG B 127 -21.73 -18.03 -9.92
N SER B 128 -21.47 -19.35 -10.02
CA SER B 128 -21.77 -20.16 -11.22
C SER B 128 -23.22 -20.07 -11.75
N SER B 129 -24.23 -19.98 -10.87
CA SER B 129 -25.63 -19.97 -11.33
C SER B 129 -26.29 -18.59 -11.43
N GLU B 130 -25.54 -17.49 -11.30
CA GLU B 130 -26.13 -16.14 -11.38
C GLU B 130 -26.86 -15.90 -12.71
N MET B 131 -26.34 -16.45 -13.82
CA MET B 131 -26.99 -16.35 -15.12
C MET B 131 -26.63 -17.60 -15.95
N PRO B 132 -27.59 -18.15 -16.69
CA PRO B 132 -27.33 -19.38 -17.47
C PRO B 132 -26.15 -19.28 -18.41
N GLU B 133 -25.83 -18.07 -18.88
CA GLU B 133 -24.70 -17.78 -19.76
C GLU B 133 -23.37 -17.97 -19.02
N LEU B 134 -23.33 -17.64 -17.72
CA LEU B 134 -22.14 -17.86 -16.91
C LEU B 134 -22.01 -19.37 -16.62
N THR B 135 -23.15 -20.02 -16.32
CA THR B 135 -23.21 -21.45 -16.06
C THR B 135 -22.72 -22.23 -17.27
N SER B 136 -23.07 -21.78 -18.48
CA SER B 136 -22.66 -22.43 -19.73
C SER B 136 -21.17 -22.33 -19.95
N MET B 137 -20.59 -21.17 -19.62
CA MET B 137 -19.15 -20.98 -19.76
C MET B 137 -18.40 -21.91 -18.83
N HIS B 138 -18.81 -21.96 -17.54
CA HIS B 138 -18.24 -22.88 -16.54
C HIS B 138 -18.40 -24.34 -17.03
N THR B 139 -19.63 -24.74 -17.40
CA THR B 139 -19.96 -26.09 -17.88
C THR B 139 -19.10 -26.50 -19.08
N LEU B 140 -18.74 -25.52 -19.93
CA LEU B 140 -17.87 -25.76 -21.09
C LEU B 140 -16.42 -26.06 -20.64
N LEU B 141 -15.91 -25.31 -19.64
CA LEU B 141 -14.54 -25.52 -19.14
C LEU B 141 -14.37 -26.83 -18.33
N LEU B 142 -15.41 -27.26 -17.59
CA LEU B 142 -15.35 -28.51 -16.83
C LEU B 142 -15.17 -29.68 -17.78
N ARG B 143 -15.92 -29.68 -18.90
CA ARG B 143 -15.80 -30.74 -19.89
C ARG B 143 -14.43 -30.74 -20.54
N GLU B 144 -13.85 -29.55 -20.77
CA GLU B 144 -12.54 -29.41 -21.41
C GLU B 144 -11.46 -30.01 -20.54
N HIS B 145 -11.54 -29.82 -19.20
CA HIS B 145 -10.56 -30.42 -18.29
C HIS B 145 -10.65 -31.96 -18.36
N ASN B 146 -11.87 -32.53 -18.30
CA ASN B 146 -12.04 -33.97 -18.36
C ASN B 146 -11.71 -34.57 -19.74
N ARG B 147 -11.78 -33.74 -20.79
CA ARG B 147 -11.41 -34.15 -22.14
C ARG B 147 -9.88 -34.23 -22.18
N LEU B 148 -9.20 -33.20 -21.64
CA LEU B 148 -7.74 -33.17 -21.59
C LEU B 148 -7.20 -34.31 -20.73
N ALA B 149 -7.78 -34.55 -19.52
CA ALA B 149 -7.37 -35.65 -18.62
C ALA B 149 -7.67 -37.05 -19.16
N THR B 150 -8.51 -37.14 -20.19
CA THR B 150 -8.85 -38.39 -20.85
C THR B 150 -7.85 -38.63 -22.01
N GLU B 151 -7.51 -37.56 -22.77
CA GLU B 151 -6.54 -37.72 -23.86
C GLU B 151 -5.11 -37.86 -23.32
N LEU B 152 -4.81 -37.30 -22.12
CA LEU B 152 -3.52 -37.47 -21.47
C LEU B 152 -3.35 -38.90 -20.91
N LYS B 153 -4.46 -39.57 -20.54
CA LYS B 153 -4.41 -40.94 -20.04
C LYS B 153 -4.09 -41.92 -21.17
N SER B 154 -4.56 -41.64 -22.39
CA SER B 154 -4.27 -42.51 -23.53
C SER B 154 -2.81 -42.33 -24.00
N LEU B 155 -2.27 -41.09 -23.91
CA LEU B 155 -0.89 -40.84 -24.32
C LEU B 155 0.11 -41.28 -23.26
N ASN B 156 -0.25 -41.08 -21.97
CA ASN B 156 0.60 -41.46 -20.84
C ASN B 156 -0.15 -42.35 -19.85
N PRO B 157 -0.30 -43.65 -20.15
CA PRO B 157 -1.04 -44.53 -19.25
C PRO B 157 -0.38 -44.72 -17.89
N ARG B 158 0.96 -44.58 -17.81
CA ARG B 158 1.67 -44.73 -16.54
C ARG B 158 1.41 -43.57 -15.54
N TRP B 159 0.79 -42.46 -16.01
CA TRP B 159 0.46 -41.28 -15.20
C TRP B 159 -0.68 -41.56 -14.21
N ASP B 160 -0.68 -40.84 -13.09
CA ASP B 160 -1.69 -41.01 -12.03
C ASP B 160 -2.88 -40.01 -12.12
N GLY B 161 -3.68 -39.93 -11.05
CA GLY B 161 -4.82 -39.03 -10.97
C GLY B 161 -4.34 -37.63 -10.69
N GLU B 162 -3.44 -37.47 -9.70
CA GLU B 162 -2.85 -36.17 -9.35
C GLU B 162 -1.97 -35.63 -10.49
N ARG B 163 -1.37 -36.52 -11.30
CA ARG B 163 -0.55 -36.11 -12.43
C ARG B 163 -1.39 -35.71 -13.65
N LEU B 164 -2.61 -36.24 -13.75
CA LEU B 164 -3.56 -35.95 -14.83
C LEU B 164 -4.35 -34.68 -14.52
N TYR B 165 -4.75 -34.48 -13.26
CA TYR B 165 -5.48 -33.28 -12.85
C TYR B 165 -4.66 -32.01 -13.03
N GLN B 166 -3.41 -32.02 -12.59
CA GLN B 166 -2.54 -30.85 -12.68
C GLN B 166 -2.15 -30.51 -14.09
N GLU B 167 -1.84 -31.52 -14.90
CA GLU B 167 -1.46 -31.33 -16.28
C GLU B 167 -2.64 -30.81 -17.12
N ALA B 168 -3.87 -31.27 -16.80
CA ALA B 168 -5.08 -30.80 -17.47
C ALA B 168 -5.38 -29.37 -16.99
N ARG B 169 -5.16 -29.08 -15.67
CA ARG B 169 -5.32 -27.76 -15.03
C ARG B 169 -4.44 -26.72 -15.73
N LYS B 170 -3.17 -27.06 -15.94
CA LYS B 170 -2.16 -26.24 -16.60
C LYS B 170 -2.50 -25.98 -18.08
N ILE B 171 -3.28 -26.87 -18.73
CA ILE B 171 -3.67 -26.65 -20.12
C ILE B 171 -4.84 -25.64 -20.11
N VAL B 172 -5.84 -25.89 -19.25
CA VAL B 172 -7.02 -25.05 -19.12
C VAL B 172 -6.68 -23.62 -18.78
N GLY B 173 -5.79 -23.45 -17.81
CA GLY B 173 -5.31 -22.14 -17.38
C GLY B 173 -4.69 -21.37 -18.52
N ALA B 174 -3.78 -22.02 -19.24
CA ALA B 174 -3.07 -21.43 -20.36
C ALA B 174 -4.05 -20.96 -21.45
N MET B 175 -5.11 -21.75 -21.67
CA MET B 175 -6.15 -21.40 -22.63
C MET B 175 -6.92 -20.18 -22.22
N VAL B 176 -7.18 -20.03 -20.88
CA VAL B 176 -7.89 -18.87 -20.38
C VAL B 176 -7.04 -17.61 -20.60
N GLN B 177 -5.72 -17.72 -20.38
CA GLN B 177 -4.80 -16.62 -20.59
C GLN B 177 -4.74 -16.22 -22.06
N ILE B 178 -4.62 -17.20 -22.96
CA ILE B 178 -4.56 -16.96 -24.40
C ILE B 178 -5.82 -16.28 -24.95
N ILE B 179 -7.00 -16.81 -24.62
CA ILE B 179 -8.25 -16.19 -25.09
C ILE B 179 -8.39 -14.78 -24.50
N THR B 180 -8.01 -14.63 -23.23
CA THR B 180 -8.10 -13.35 -22.55
C THR B 180 -7.19 -12.29 -23.16
N TYR B 181 -5.91 -12.62 -23.36
CA TYR B 181 -4.90 -11.65 -23.76
C TYR B 181 -4.75 -11.47 -25.25
N ARG B 182 -4.91 -12.54 -26.03
CA ARG B 182 -4.77 -12.45 -27.47
C ARG B 182 -6.05 -11.99 -28.16
N ASP B 183 -7.21 -12.35 -27.61
CA ASP B 183 -8.48 -12.07 -28.25
C ASP B 183 -9.42 -11.12 -27.50
N TYR B 184 -9.44 -11.19 -26.16
CA TYR B 184 -10.36 -10.37 -25.39
C TYR B 184 -9.91 -8.92 -25.18
N LEU B 185 -8.75 -8.74 -24.51
CA LEU B 185 -8.21 -7.45 -24.11
C LEU B 185 -8.00 -6.46 -25.28
N PRO B 186 -7.45 -6.84 -26.46
CA PRO B 186 -7.34 -5.86 -27.57
C PRO B 186 -8.67 -5.22 -27.97
N LEU B 187 -9.76 -5.96 -27.75
CA LEU B 187 -11.11 -5.54 -28.07
C LEU B 187 -11.76 -4.63 -27.02
N VAL B 188 -11.17 -4.58 -25.81
CA VAL B 188 -11.67 -3.76 -24.73
C VAL B 188 -10.92 -2.41 -24.74
N LEU B 189 -9.57 -2.46 -24.79
CA LEU B 189 -8.72 -1.27 -24.73
C LEU B 189 -8.56 -0.50 -26.05
N GLY B 190 -8.69 -1.21 -27.16
CA GLY B 190 -8.40 -0.62 -28.46
C GLY B 190 -6.92 -0.74 -28.73
N PRO B 191 -6.53 -0.65 -29.98
CA PRO B 191 -5.11 -0.83 -30.33
C PRO B 191 -4.08 0.08 -29.62
N THR B 192 -4.35 1.40 -29.50
CA THR B 192 -3.38 2.31 -28.89
C THR B 192 -3.16 2.01 -27.42
N ALA B 193 -4.27 1.88 -26.63
CA ALA B 193 -4.12 1.55 -25.21
C ALA B 193 -3.57 0.16 -25.03
N MET B 194 -3.90 -0.78 -25.92
CA MET B 194 -3.36 -2.13 -25.88
C MET B 194 -1.83 -2.10 -26.00
N ARG B 195 -1.29 -1.25 -26.87
CA ARG B 195 0.15 -1.14 -27.07
C ARG B 195 0.82 -0.44 -25.88
N LYS B 196 0.14 0.59 -25.35
CA LYS B 196 0.59 1.41 -24.25
C LYS B 196 0.66 0.63 -22.94
N TYR B 197 -0.40 -0.13 -22.61
CA TYR B 197 -0.55 -0.87 -21.36
C TYR B 197 -0.13 -2.30 -21.43
N LEU B 198 -0.24 -2.92 -22.59
CA LEU B 198 0.16 -4.31 -22.74
C LEU B 198 1.15 -4.48 -23.86
N PRO B 199 2.36 -3.94 -23.70
CA PRO B 199 3.40 -4.19 -24.70
C PRO B 199 3.79 -5.67 -24.67
N THR B 200 4.17 -6.21 -25.84
CA THR B 200 4.50 -7.62 -26.04
C THR B 200 5.42 -8.20 -24.94
N TYR B 201 4.93 -9.24 -24.22
CA TYR B 201 5.55 -10.00 -23.12
C TYR B 201 7.04 -10.22 -23.21
N ARG B 202 7.84 -9.61 -22.34
CA ARG B 202 9.29 -9.84 -22.36
C ARG B 202 9.69 -11.07 -21.56
N SER B 203 9.05 -11.32 -20.41
CA SER B 203 9.28 -12.44 -19.46
C SER B 203 8.84 -12.06 -18.02
N TYR B 204 8.50 -13.07 -17.19
CA TYR B 204 8.05 -12.86 -15.81
C TYR B 204 9.08 -12.11 -14.95
N ASN B 205 8.61 -11.10 -14.21
CA ASN B 205 9.40 -10.24 -13.35
C ASN B 205 8.81 -10.30 -11.93
N ASP B 206 9.57 -10.86 -10.98
CA ASP B 206 9.10 -11.06 -9.61
C ASP B 206 8.97 -9.76 -8.79
N SER B 207 9.16 -8.60 -9.41
CA SER B 207 8.98 -7.32 -8.72
C SER B 207 7.65 -6.63 -9.04
N VAL B 208 6.79 -7.26 -9.80
CA VAL B 208 5.53 -6.70 -10.26
C VAL B 208 4.46 -7.28 -9.36
N ASP B 209 3.75 -6.43 -8.62
CA ASP B 209 2.70 -6.88 -7.71
C ASP B 209 1.50 -7.46 -8.49
N PRO B 210 1.21 -8.75 -8.32
CA PRO B 210 0.08 -9.35 -9.06
C PRO B 210 -1.28 -9.21 -8.37
N ARG B 211 -1.39 -8.41 -7.31
CA ARG B 211 -2.68 -8.25 -6.63
C ARG B 211 -3.70 -7.47 -7.43
N ILE B 212 -4.96 -7.66 -7.13
CA ILE B 212 -6.02 -6.87 -7.74
C ILE B 212 -6.10 -5.58 -6.93
N ALA B 213 -6.02 -4.43 -7.59
CA ALA B 213 -6.17 -3.15 -6.88
C ALA B 213 -7.64 -2.97 -6.53
N ASN B 214 -7.93 -2.29 -5.42
CA ASN B 214 -9.29 -2.11 -4.97
C ASN B 214 -10.19 -1.48 -6.06
N VAL B 215 -9.66 -0.43 -6.72
CA VAL B 215 -10.38 0.27 -7.77
C VAL B 215 -10.78 -0.64 -8.91
N PHE B 216 -9.94 -1.65 -9.31
CA PHE B 216 -10.26 -2.55 -10.42
C PHE B 216 -11.55 -3.27 -10.19
N THR B 217 -11.82 -3.68 -8.94
CA THR B 217 -13.10 -4.34 -8.61
C THR B 217 -14.32 -3.52 -9.04
N ASN B 218 -14.19 -2.19 -9.09
CA ASN B 218 -15.29 -1.33 -9.51
C ASN B 218 -15.13 -0.94 -10.98
N ALA B 219 -13.91 -0.59 -11.39
CA ALA B 219 -13.63 -0.19 -12.76
C ALA B 219 -13.98 -1.28 -13.81
N PHE B 220 -13.65 -2.56 -13.54
CA PHE B 220 -14.00 -3.66 -14.44
C PHE B 220 -15.51 -3.93 -14.55
N ARG B 221 -16.30 -3.28 -13.70
CA ARG B 221 -17.75 -3.40 -13.79
C ARG B 221 -18.29 -2.69 -15.04
N TYR B 222 -17.43 -2.06 -15.89
CA TYR B 222 -17.80 -1.44 -17.17
C TYR B 222 -18.65 -2.43 -18.00
N GLY B 223 -18.37 -3.74 -17.85
CA GLY B 223 -19.04 -4.86 -18.50
C GLY B 223 -20.53 -4.80 -18.37
N HIS B 224 -21.03 -4.09 -17.32
CA HIS B 224 -22.45 -3.88 -17.09
C HIS B 224 -23.11 -3.08 -18.23
N THR B 225 -22.34 -2.27 -18.97
CA THR B 225 -22.82 -1.52 -20.13
C THR B 225 -23.00 -2.41 -21.39
N LEU B 226 -22.34 -3.57 -21.42
CA LEU B 226 -22.44 -4.52 -22.53
C LEU B 226 -23.59 -5.54 -22.34
N ILE B 227 -24.16 -5.62 -21.13
CA ILE B 227 -25.20 -6.57 -20.82
C ILE B 227 -26.48 -6.28 -21.59
N GLN B 228 -26.95 -7.28 -22.38
CA GLN B 228 -28.16 -7.23 -23.19
C GLN B 228 -29.35 -7.57 -22.29
N PRO B 229 -30.53 -7.02 -22.57
CA PRO B 229 -31.69 -7.30 -21.70
C PRO B 229 -32.34 -8.69 -21.82
N PHE B 230 -31.83 -9.57 -22.68
CA PHE B 230 -32.42 -10.89 -22.88
C PHE B 230 -31.39 -12.00 -22.96
N MET B 231 -31.82 -13.25 -22.76
CA MET B 231 -30.98 -14.39 -22.98
C MET B 231 -31.45 -14.94 -24.32
N PHE B 232 -30.56 -14.92 -25.32
CA PHE B 232 -30.91 -15.38 -26.65
C PHE B 232 -30.55 -16.87 -26.85
N ARG B 233 -31.57 -17.71 -27.13
CA ARG B 233 -31.37 -19.13 -27.36
C ARG B 233 -31.67 -19.53 -28.80
N LEU B 234 -30.75 -20.30 -29.42
CA LEU B 234 -30.85 -20.69 -30.83
C LEU B 234 -30.84 -22.20 -31.05
N ASP B 235 -31.46 -22.66 -32.14
CA ASP B 235 -31.51 -24.08 -32.47
C ASP B 235 -30.29 -24.52 -33.35
N ASN B 236 -30.34 -25.74 -33.92
CA ASN B 236 -29.29 -26.29 -34.78
C ASN B 236 -28.91 -25.34 -35.92
N ARG B 237 -29.93 -24.83 -36.67
CA ARG B 237 -29.71 -23.92 -37.80
C ARG B 237 -29.69 -22.43 -37.40
N TYR B 238 -29.34 -22.14 -36.14
CA TYR B 238 -29.22 -20.81 -35.54
C TYR B 238 -30.48 -19.95 -35.68
N GLN B 239 -31.60 -20.52 -35.34
CA GLN B 239 -32.88 -19.84 -35.39
C GLN B 239 -33.47 -19.74 -33.99
N PRO B 240 -34.27 -18.72 -33.67
CA PRO B 240 -34.89 -18.64 -32.33
C PRO B 240 -35.49 -19.98 -31.86
N MET B 241 -34.89 -20.60 -30.83
CA MET B 241 -35.35 -21.93 -30.38
C MET B 241 -36.54 -21.92 -29.41
N GLU B 242 -37.66 -22.58 -29.81
CA GLU B 242 -38.82 -22.72 -28.93
C GLU B 242 -38.50 -23.88 -27.97
N PRO B 243 -38.55 -23.66 -26.64
CA PRO B 243 -39.13 -22.50 -25.92
C PRO B 243 -38.19 -21.37 -25.45
N ASN B 244 -38.83 -20.21 -25.20
CA ASN B 244 -38.27 -18.97 -24.66
C ASN B 244 -37.00 -18.49 -25.39
N PRO B 245 -37.16 -18.05 -26.66
CA PRO B 245 -35.99 -17.62 -27.43
C PRO B 245 -35.46 -16.22 -27.09
N ARG B 246 -36.30 -15.38 -26.46
CA ARG B 246 -35.92 -14.03 -26.02
C ARG B 246 -36.44 -13.84 -24.59
N VAL B 247 -35.80 -14.50 -23.62
CA VAL B 247 -36.20 -14.45 -22.21
C VAL B 247 -35.53 -13.30 -21.50
N PRO B 248 -36.29 -12.49 -20.75
CA PRO B 248 -35.67 -11.36 -20.03
C PRO B 248 -34.64 -11.83 -19.01
N LEU B 249 -33.61 -11.01 -18.77
CA LEU B 249 -32.58 -11.32 -17.79
C LEU B 249 -33.18 -11.43 -16.38
N SER B 250 -34.20 -10.62 -16.04
CA SER B 250 -34.86 -10.69 -14.72
C SER B 250 -35.53 -12.04 -14.43
N ARG B 251 -35.78 -12.83 -15.46
CA ARG B 251 -36.37 -14.15 -15.30
C ARG B 251 -35.32 -15.29 -15.41
N VAL B 252 -34.02 -14.96 -15.62
CA VAL B 252 -32.95 -15.97 -15.74
C VAL B 252 -31.88 -15.90 -14.64
N PHE B 253 -31.88 -14.86 -13.74
CA PHE B 253 -30.88 -14.82 -12.65
C PHE B 253 -31.18 -15.94 -11.70
N PHE B 254 -30.17 -16.75 -11.37
CA PHE B 254 -30.33 -17.92 -10.50
C PHE B 254 -31.22 -19.02 -11.10
N ALA B 255 -31.72 -18.88 -12.33
CA ALA B 255 -32.63 -19.89 -12.90
C ALA B 255 -31.91 -21.11 -13.51
N SER B 256 -31.13 -21.85 -12.69
CA SER B 256 -30.41 -23.04 -13.15
C SER B 256 -31.32 -24.10 -13.79
N TRP B 257 -32.65 -24.03 -13.55
CA TRP B 257 -33.63 -24.95 -14.15
C TRP B 257 -33.72 -24.82 -15.68
N ARG B 258 -33.38 -23.64 -16.20
CA ARG B 258 -33.38 -23.36 -17.63
C ARG B 258 -32.26 -24.13 -18.35
N VAL B 259 -31.16 -24.47 -17.66
CA VAL B 259 -30.09 -25.29 -18.25
C VAL B 259 -30.52 -26.76 -18.17
N VAL B 260 -30.92 -27.22 -16.96
CA VAL B 260 -31.31 -28.59 -16.69
C VAL B 260 -32.56 -29.05 -17.42
N LEU B 261 -33.50 -28.15 -17.69
CA LEU B 261 -34.76 -28.55 -18.33
C LEU B 261 -34.98 -27.95 -19.73
N GLU B 262 -34.23 -26.89 -20.11
CA GLU B 262 -34.41 -26.26 -21.42
C GLU B 262 -33.14 -26.28 -22.31
N GLY B 263 -32.97 -27.38 -23.02
CA GLY B 263 -31.92 -27.60 -24.02
C GLY B 263 -30.46 -27.70 -23.61
N GLY B 264 -30.18 -27.51 -22.33
CA GLY B 264 -28.82 -27.54 -21.84
C GLY B 264 -28.07 -26.28 -22.24
N ILE B 265 -26.74 -26.39 -22.29
CA ILE B 265 -25.87 -25.27 -22.61
C ILE B 265 -25.71 -25.02 -24.12
N ASP B 266 -26.10 -25.98 -24.97
CA ASP B 266 -26.01 -25.83 -26.44
C ASP B 266 -26.78 -24.61 -27.00
N PRO B 267 -28.11 -24.46 -26.79
CA PRO B 267 -28.80 -23.27 -27.32
C PRO B 267 -28.43 -21.97 -26.62
N ILE B 268 -27.81 -22.03 -25.42
CA ILE B 268 -27.36 -20.83 -24.71
C ILE B 268 -26.06 -20.32 -25.34
N LEU B 269 -25.08 -21.24 -25.51
CA LEU B 269 -23.79 -20.95 -26.12
C LEU B 269 -23.96 -20.49 -27.57
N ARG B 270 -24.94 -21.04 -28.30
CA ARG B 270 -25.26 -20.59 -29.67
C ARG B 270 -26.06 -19.30 -29.46
N GLY B 271 -25.64 -18.09 -29.79
CA GLY B 271 -26.43 -16.94 -29.37
C GLY B 271 -25.55 -16.02 -28.57
N LEU B 272 -24.63 -16.58 -27.71
CA LEU B 272 -23.54 -15.73 -27.23
C LEU B 272 -22.65 -15.43 -28.49
N MET B 273 -22.50 -16.42 -29.42
CA MET B 273 -21.75 -16.26 -30.65
C MET B 273 -22.52 -15.51 -31.74
N ALA B 274 -23.82 -15.83 -31.91
CA ALA B 274 -24.60 -15.24 -33.00
C ALA B 274 -25.39 -13.96 -32.70
N THR B 275 -25.39 -13.47 -31.45
CA THR B 275 -26.15 -12.26 -31.13
C THR B 275 -25.17 -11.14 -30.82
N PRO B 276 -25.40 -9.89 -31.28
CA PRO B 276 -24.46 -8.81 -30.93
C PRO B 276 -24.67 -8.26 -29.50
N ALA B 277 -23.57 -7.88 -28.83
CA ALA B 277 -23.59 -7.32 -27.48
C ALA B 277 -24.22 -5.92 -27.45
N LYS B 278 -24.66 -5.44 -26.27
CA LYS B 278 -25.19 -4.08 -26.18
C LYS B 278 -24.00 -3.14 -26.30
N LEU B 279 -24.14 -2.10 -27.09
CA LEU B 279 -23.07 -1.11 -27.22
C LEU B 279 -23.33 0.01 -26.19
N ASN B 280 -22.27 0.47 -25.48
CA ASN B 280 -22.43 1.57 -24.53
C ASN B 280 -22.51 2.92 -25.28
N ARG B 281 -23.60 3.69 -25.04
CA ARG B 281 -23.82 5.03 -25.60
C ARG B 281 -24.03 5.98 -24.40
N GLN B 282 -23.53 7.21 -24.43
CA GLN B 282 -23.63 8.13 -23.29
C GLN B 282 -25.09 8.47 -22.86
N ASN B 283 -26.08 8.06 -23.66
CA ASN B 283 -27.50 8.24 -23.38
C ASN B 283 -28.24 6.88 -23.19
N GLN B 284 -27.48 5.75 -23.15
CA GLN B 284 -27.96 4.38 -23.05
C GLN B 284 -26.90 3.57 -22.28
N ILE B 285 -26.60 3.99 -21.05
CA ILE B 285 -25.53 3.35 -20.27
C ILE B 285 -25.84 1.88 -19.83
N ALA B 286 -27.01 1.60 -19.21
CA ALA B 286 -27.35 0.22 -18.80
C ALA B 286 -28.84 -0.08 -18.86
N VAL B 287 -29.16 -1.32 -19.23
CA VAL B 287 -30.53 -1.77 -19.38
C VAL B 287 -31.28 -1.84 -18.05
N ASP B 288 -32.60 -1.67 -18.09
CA ASP B 288 -33.44 -1.73 -16.90
C ASP B 288 -33.66 -3.17 -16.37
N GLU B 289 -33.20 -4.21 -17.09
CA GLU B 289 -33.24 -5.58 -16.55
C GLU B 289 -32.23 -5.72 -15.40
N ILE B 290 -31.14 -4.91 -15.39
CA ILE B 290 -30.16 -4.87 -14.31
C ILE B 290 -30.29 -3.58 -13.49
N ARG B 291 -30.81 -2.50 -14.11
CA ARG B 291 -30.99 -1.22 -13.43
C ARG B 291 -32.28 -1.15 -12.63
N GLU B 292 -33.26 -2.01 -12.91
CA GLU B 292 -34.55 -1.97 -12.22
C GLU B 292 -35.03 -3.33 -11.70
N ARG B 293 -34.58 -4.44 -12.33
CA ARG B 293 -35.08 -5.75 -11.93
C ARG B 293 -34.00 -6.78 -11.65
N LEU B 294 -32.81 -6.34 -11.20
CA LEU B 294 -31.73 -7.25 -10.86
C LEU B 294 -32.15 -8.14 -9.67
N PHE B 295 -32.17 -9.45 -9.88
CA PHE B 295 -32.55 -10.44 -8.87
C PHE B 295 -33.99 -10.22 -8.39
N GLU B 296 -34.89 -9.80 -9.30
CA GLU B 296 -36.29 -9.50 -9.01
C GLU B 296 -37.06 -10.60 -8.30
N GLN B 297 -36.98 -11.84 -8.82
CA GLN B 297 -37.79 -12.95 -8.31
C GLN B 297 -37.11 -13.84 -7.27
N VAL B 298 -35.98 -13.41 -6.73
CA VAL B 298 -35.29 -14.16 -5.68
C VAL B 298 -35.10 -13.33 -4.40
N MET B 299 -35.58 -12.06 -4.36
CA MET B 299 -35.48 -11.25 -3.15
C MET B 299 -36.59 -10.19 -3.07
N ARG B 300 -36.83 -9.67 -1.84
CA ARG B 300 -37.90 -8.75 -1.46
C ARG B 300 -38.13 -7.61 -2.40
N ILE B 301 -37.05 -7.11 -3.00
CA ILE B 301 -37.10 -6.02 -3.93
C ILE B 301 -36.06 -6.25 -5.05
N GLY B 302 -36.29 -5.64 -6.21
CA GLY B 302 -35.35 -5.73 -7.32
C GLY B 302 -34.24 -4.73 -7.07
N LEU B 303 -33.01 -5.06 -7.50
CA LEU B 303 -31.86 -4.19 -7.27
C LEU B 303 -31.50 -3.37 -8.51
N ASP B 304 -30.70 -2.32 -8.32
CA ASP B 304 -30.24 -1.43 -9.39
C ASP B 304 -28.73 -1.61 -9.42
N LEU B 305 -28.22 -2.52 -10.28
CA LEU B 305 -26.78 -2.82 -10.35
C LEU B 305 -25.90 -1.55 -10.49
N PRO B 306 -26.21 -0.57 -11.39
CA PRO B 306 -25.37 0.64 -11.47
C PRO B 306 -25.33 1.44 -10.18
N ALA B 307 -26.44 1.47 -9.41
CA ALA B 307 -26.45 2.21 -8.14
C ALA B 307 -25.61 1.45 -7.09
N LEU B 308 -25.67 0.12 -7.10
CA LEU B 308 -24.86 -0.72 -6.22
C LEU B 308 -23.39 -0.50 -6.52
N ASN B 309 -23.02 -0.34 -7.79
CA ASN B 309 -21.67 -0.07 -8.24
C ASN B 309 -21.16 1.21 -7.62
N MET B 310 -22.00 2.24 -7.54
CA MET B 310 -21.60 3.51 -6.94
C MET B 310 -21.56 3.47 -5.44
N GLN B 311 -22.54 2.81 -4.80
CA GLN B 311 -22.55 2.66 -3.34
C GLN B 311 -21.33 1.84 -2.90
N ARG B 312 -20.99 0.78 -3.66
CA ARG B 312 -19.84 -0.08 -3.43
C ARG B 312 -18.53 0.71 -3.51
N SER B 313 -18.42 1.62 -4.50
CA SER B 313 -17.22 2.45 -4.59
C SER B 313 -17.06 3.36 -3.36
N ARG B 314 -18.18 3.83 -2.78
CA ARG B 314 -18.19 4.64 -1.57
C ARG B 314 -17.84 3.78 -0.36
N ASP B 315 -18.40 2.57 -0.29
CA ASP B 315 -18.13 1.59 0.75
C ASP B 315 -16.62 1.27 0.76
N HIS B 316 -16.04 1.08 -0.42
CA HIS B 316 -14.62 0.78 -0.56
C HIS B 316 -13.71 2.03 -0.43
N GLY B 317 -14.28 3.16 -0.06
CA GLY B 317 -13.58 4.42 0.11
C GLY B 317 -12.75 4.81 -1.09
N LEU B 318 -13.24 4.49 -2.31
CA LEU B 318 -12.46 4.79 -3.50
C LEU B 318 -12.51 6.26 -3.80
N PRO B 319 -11.34 6.87 -4.10
CA PRO B 319 -11.34 8.29 -4.53
C PRO B 319 -12.24 8.58 -5.74
N GLY B 320 -12.59 9.84 -5.93
CA GLY B 320 -13.47 10.24 -7.02
C GLY B 320 -12.79 10.26 -8.39
N TYR B 321 -13.52 10.70 -9.40
CA TYR B 321 -13.12 10.78 -10.81
C TYR B 321 -11.82 11.52 -11.06
N ASN B 322 -11.70 12.80 -10.68
CA ASN B 322 -10.47 13.59 -10.94
C ASN B 322 -9.23 13.03 -10.27
N ALA B 323 -9.39 12.35 -9.10
CA ALA B 323 -8.27 11.73 -8.43
C ALA B 323 -7.69 10.60 -9.30
N TRP B 324 -8.56 9.80 -9.92
CA TRP B 324 -8.14 8.72 -10.80
C TRP B 324 -7.60 9.24 -12.13
N ARG B 325 -8.15 10.37 -12.61
CA ARG B 325 -7.65 10.99 -13.83
C ARG B 325 -6.20 11.41 -13.63
N ARG B 326 -5.88 11.98 -12.44
CA ARG B 326 -4.54 12.40 -12.10
C ARG B 326 -3.61 11.20 -11.98
N PHE B 327 -4.11 10.12 -11.39
CA PHE B 327 -3.36 8.89 -11.22
C PHE B 327 -2.96 8.33 -12.57
N CYS B 328 -3.85 8.35 -13.55
CA CYS B 328 -3.56 7.84 -14.89
C CYS B 328 -2.74 8.78 -15.79
N GLY B 329 -2.43 9.98 -15.30
CA GLY B 329 -1.72 10.97 -16.08
C GLY B 329 -2.61 11.76 -17.00
N LEU B 330 -3.94 11.70 -16.81
CA LEU B 330 -4.96 12.39 -17.61
C LEU B 330 -5.36 13.73 -16.98
N PRO B 331 -5.85 14.70 -17.78
CA PRO B 331 -6.22 16.01 -17.21
C PRO B 331 -7.49 15.96 -16.36
N GLN B 332 -7.57 16.82 -15.32
CA GLN B 332 -8.70 16.82 -14.40
C GLN B 332 -9.57 18.06 -14.55
N PRO B 333 -10.75 17.95 -15.22
CA PRO B 333 -11.65 19.11 -15.40
C PRO B 333 -12.23 19.65 -14.11
N GLU B 334 -12.47 20.95 -14.03
CA GLU B 334 -13.00 21.58 -12.82
C GLU B 334 -14.40 22.14 -13.04
N THR B 335 -14.60 22.74 -14.21
CA THR B 335 -15.87 23.36 -14.57
C THR B 335 -16.66 22.46 -15.51
N VAL B 336 -17.94 22.73 -15.65
CA VAL B 336 -18.84 22.02 -16.53
C VAL B 336 -18.39 22.14 -18.00
N GLY B 337 -17.86 23.29 -18.39
CA GLY B 337 -17.33 23.50 -19.72
C GLY B 337 -16.10 22.65 -19.94
N GLN B 338 -15.22 22.55 -18.92
CA GLN B 338 -14.01 21.69 -18.96
C GLN B 338 -14.40 20.19 -19.08
N LEU B 339 -15.38 19.74 -18.25
CA LEU B 339 -15.90 18.38 -18.24
C LEU B 339 -16.56 18.05 -19.61
N GLY B 340 -17.24 19.02 -20.19
CA GLY B 340 -17.90 18.85 -21.47
C GLY B 340 -16.93 18.55 -22.58
N THR B 341 -15.70 19.11 -22.49
CA THR B 341 -14.68 18.94 -23.51
C THR B 341 -14.05 17.57 -23.38
N VAL B 342 -13.71 17.17 -22.13
CA VAL B 342 -13.15 15.85 -21.83
C VAL B 342 -14.13 14.76 -22.30
N LEU B 343 -15.40 14.82 -21.85
CA LEU B 343 -16.40 13.83 -22.24
C LEU B 343 -16.82 13.93 -23.71
N ARG B 344 -16.47 15.03 -24.41
CA ARG B 344 -16.89 15.38 -25.78
C ARG B 344 -18.41 15.37 -25.84
N ASN B 345 -19.06 15.90 -24.79
CA ASN B 345 -20.49 15.84 -24.62
C ASN B 345 -20.88 16.78 -23.48
N LEU B 346 -21.28 18.03 -23.79
CA LEU B 346 -21.66 19.02 -22.76
C LEU B 346 -23.00 18.67 -22.08
N LYS B 347 -23.87 17.92 -22.79
CA LYS B 347 -25.16 17.50 -22.25
C LYS B 347 -24.95 16.56 -21.06
N LEU B 348 -23.96 15.66 -21.16
CA LEU B 348 -23.64 14.76 -20.07
C LEU B 348 -22.90 15.47 -18.92
N ALA B 349 -22.03 16.45 -19.23
CA ALA B 349 -21.29 17.20 -18.21
C ALA B 349 -22.24 18.03 -17.34
N ARG B 350 -23.22 18.70 -17.95
CA ARG B 350 -24.22 19.46 -17.19
C ARG B 350 -25.00 18.51 -16.23
N LYS B 351 -25.27 17.27 -16.70
CA LYS B 351 -25.95 16.21 -15.96
C LYS B 351 -25.11 15.77 -14.77
N LEU B 352 -23.82 15.43 -15.00
CA LEU B 352 -22.95 14.99 -13.91
C LEU B 352 -22.70 16.08 -12.88
N MET B 353 -22.58 17.32 -13.33
CA MET B 353 -22.40 18.45 -12.42
C MET B 353 -23.62 18.70 -11.53
N GLU B 354 -24.80 18.40 -12.07
CA GLU B 354 -26.06 18.58 -11.37
C GLU B 354 -26.15 17.71 -10.13
N GLN B 355 -25.64 16.49 -10.21
CA GLN B 355 -25.64 15.56 -9.10
C GLN B 355 -24.40 15.75 -8.16
N TYR B 356 -23.20 15.67 -8.74
CA TYR B 356 -21.95 15.66 -8.00
C TYR B 356 -21.47 17.01 -7.52
N GLY B 357 -21.77 18.06 -8.26
CA GLY B 357 -21.32 19.39 -7.91
C GLY B 357 -19.95 19.69 -8.46
N THR B 358 -19.02 18.71 -8.32
CA THR B 358 -17.66 18.85 -8.82
C THR B 358 -17.22 17.57 -9.51
N PRO B 359 -16.43 17.68 -10.60
CA PRO B 359 -15.91 16.46 -11.24
C PRO B 359 -15.02 15.62 -10.31
N ASN B 360 -14.58 16.19 -9.17
CA ASN B 360 -13.80 15.49 -8.18
C ASN B 360 -14.62 14.43 -7.49
N ASN B 361 -15.95 14.64 -7.32
CA ASN B 361 -16.85 13.72 -6.62
C ASN B 361 -17.48 12.65 -7.45
N ILE B 362 -17.40 12.74 -8.80
CA ILE B 362 -18.02 11.73 -9.66
C ILE B 362 -17.51 10.33 -9.32
N ASP B 363 -18.39 9.39 -8.96
CA ASP B 363 -17.99 8.02 -8.63
C ASP B 363 -17.23 7.37 -9.77
N ILE B 364 -16.10 6.72 -9.51
CA ILE B 364 -15.24 6.07 -10.50
C ILE B 364 -16.00 5.27 -11.58
N TRP B 365 -17.09 4.58 -11.22
CA TRP B 365 -17.85 3.83 -12.23
C TRP B 365 -18.61 4.76 -13.12
N MET B 366 -19.29 5.77 -12.55
CA MET B 366 -20.07 6.69 -13.36
C MET B 366 -19.16 7.48 -14.29
N GLY B 367 -18.05 8.01 -13.78
CA GLY B 367 -17.11 8.76 -14.59
C GLY B 367 -16.44 7.87 -15.63
N GLY B 368 -16.11 6.65 -15.25
CA GLY B 368 -15.47 5.70 -16.13
C GLY B 368 -16.26 5.41 -17.39
N VAL B 369 -17.52 5.02 -17.22
CA VAL B 369 -18.41 4.69 -18.34
C VAL B 369 -19.00 5.90 -19.06
N SER B 370 -18.72 7.12 -18.58
CA SER B 370 -19.21 8.34 -19.24
C SER B 370 -18.28 8.85 -20.36
N GLU B 371 -17.02 8.42 -20.36
CA GLU B 371 -16.07 8.85 -21.37
C GLU B 371 -16.33 8.23 -22.74
N PRO B 372 -15.97 8.95 -23.82
CA PRO B 372 -16.12 8.40 -25.19
C PRO B 372 -15.20 7.18 -25.39
N LEU B 373 -15.65 6.17 -26.15
CA LEU B 373 -14.87 4.95 -26.34
C LEU B 373 -13.63 5.12 -27.25
N LYS B 374 -12.46 4.60 -26.80
CA LYS B 374 -11.20 4.58 -27.58
C LYS B 374 -11.44 3.89 -28.95
N ARG B 375 -10.71 4.31 -30.01
CA ARG B 375 -10.91 3.71 -31.36
C ARG B 375 -10.66 2.21 -31.30
N LYS B 376 -11.61 1.44 -31.90
CA LYS B 376 -11.66 -0.03 -31.89
C LYS B 376 -11.59 -0.65 -30.47
N GLY B 377 -12.09 0.12 -29.50
CA GLY B 377 -12.16 -0.26 -28.09
C GLY B 377 -13.55 -0.01 -27.53
N ARG B 378 -13.80 -0.52 -26.32
CA ARG B 378 -15.12 -0.36 -25.69
C ARG B 378 -15.05 0.33 -24.30
N VAL B 379 -13.92 0.97 -23.97
CA VAL B 379 -13.75 1.74 -22.73
C VAL B 379 -13.11 3.09 -23.07
N GLY B 380 -13.33 4.09 -22.22
CA GLY B 380 -12.71 5.40 -22.38
C GLY B 380 -11.27 5.42 -21.88
N PRO B 381 -10.59 6.56 -22.00
CA PRO B 381 -9.18 6.65 -21.54
C PRO B 381 -8.91 6.28 -20.07
N LEU B 382 -9.77 6.73 -19.11
CA LEU B 382 -9.58 6.42 -17.68
C LEU B 382 -9.68 4.92 -17.38
N LEU B 383 -10.79 4.29 -17.82
CA LEU B 383 -10.97 2.86 -17.63
C LEU B 383 -9.91 2.07 -18.38
N ALA B 384 -9.51 2.49 -19.61
CA ALA B 384 -8.45 1.79 -20.35
C ALA B 384 -7.14 1.74 -19.57
N CYS B 385 -6.92 2.74 -18.71
CA CYS B 385 -5.73 2.79 -17.89
C CYS B 385 -5.84 1.86 -16.71
N ILE B 386 -6.97 1.87 -16.02
CA ILE B 386 -7.15 1.03 -14.86
C ILE B 386 -7.14 -0.45 -15.25
N ILE B 387 -7.95 -0.80 -16.25
CA ILE B 387 -8.05 -2.16 -16.75
C ILE B 387 -6.74 -2.60 -17.38
N GLY B 388 -6.08 -1.72 -18.14
CA GLY B 388 -4.82 -2.05 -18.77
C GLY B 388 -3.71 -2.31 -17.76
N THR B 389 -3.57 -1.43 -16.77
CA THR B 389 -2.54 -1.54 -15.75
C THR B 389 -2.72 -2.81 -14.95
N GLN B 390 -3.98 -3.12 -14.59
CA GLN B 390 -4.27 -4.33 -13.86
C GLN B 390 -3.87 -5.58 -14.63
N PHE B 391 -4.32 -5.70 -15.88
CA PHE B 391 -3.99 -6.87 -16.68
C PHE B 391 -2.50 -7.04 -16.94
N ARG B 392 -1.74 -5.94 -16.95
CA ARG B 392 -0.29 -6.03 -17.16
C ARG B 392 0.39 -6.62 -15.94
N LYS B 393 -0.05 -6.22 -14.75
CA LYS B 393 0.45 -6.73 -13.46
C LYS B 393 0.14 -8.24 -13.30
N LEU B 394 -1.04 -8.65 -13.76
CA LEU B 394 -1.47 -10.05 -13.72
C LEU B 394 -0.61 -10.92 -14.62
N ARG B 395 -0.18 -10.36 -15.74
CA ARG B 395 0.61 -11.07 -16.72
C ARG B 395 2.10 -11.16 -16.32
N ASP B 396 2.73 -10.00 -16.11
CA ASP B 396 4.15 -9.86 -15.78
C ASP B 396 4.54 -10.36 -14.39
N GLY B 397 3.55 -10.52 -13.51
CA GLY B 397 3.82 -10.97 -12.15
C GLY B 397 3.30 -12.36 -11.85
N ASP B 398 3.03 -13.15 -12.89
CA ASP B 398 2.52 -14.51 -12.83
C ASP B 398 3.69 -15.43 -13.10
N ARG B 399 4.23 -16.13 -12.06
CA ARG B 399 5.36 -17.04 -12.24
C ARG B 399 5.02 -18.20 -13.17
N PHE B 400 3.74 -18.57 -13.24
CA PHE B 400 3.29 -19.64 -14.10
C PHE B 400 2.60 -19.11 -15.35
N TRP B 401 3.00 -17.91 -15.85
CA TRP B 401 2.43 -17.35 -17.08
C TRP B 401 2.84 -18.27 -18.22
N TRP B 402 1.87 -18.74 -19.00
CA TRP B 402 2.08 -19.72 -20.07
C TRP B 402 3.29 -19.45 -20.97
N GLU B 403 3.62 -18.17 -21.22
CA GLU B 403 4.72 -17.84 -22.12
C GLU B 403 6.09 -17.84 -21.47
N ASN B 404 6.15 -17.77 -20.13
CA ASN B 404 7.40 -17.72 -19.38
C ASN B 404 8.23 -18.98 -19.54
N GLU B 405 9.56 -18.82 -19.67
CA GLU B 405 10.50 -19.94 -19.81
C GLU B 405 10.43 -20.87 -18.61
N GLY B 406 10.35 -22.17 -18.90
CA GLY B 406 10.24 -23.19 -17.86
C GLY B 406 8.82 -23.69 -17.66
N VAL B 407 7.83 -22.80 -17.84
CA VAL B 407 6.42 -23.18 -17.66
C VAL B 407 6.05 -24.24 -18.67
N PHE B 408 6.27 -23.96 -19.97
CA PHE B 408 5.96 -24.94 -21.02
C PHE B 408 7.15 -25.19 -21.95
N SER B 409 7.14 -26.34 -22.63
CA SER B 409 8.19 -26.64 -23.60
C SER B 409 7.93 -25.78 -24.85
N MET B 410 8.97 -25.50 -25.68
CA MET B 410 8.81 -24.69 -26.89
C MET B 410 7.67 -25.23 -27.76
N GLN B 411 7.65 -26.57 -27.89
CA GLN B 411 6.68 -27.38 -28.65
C GLN B 411 5.28 -27.30 -28.03
N GLN B 412 5.19 -27.34 -26.69
CA GLN B 412 3.90 -27.20 -26.01
C GLN B 412 3.32 -25.82 -26.25
N ARG B 413 4.17 -24.78 -26.25
CA ARG B 413 3.73 -23.41 -26.51
C ARG B 413 3.28 -23.26 -27.96
N GLN B 414 4.02 -23.87 -28.89
CA GLN B 414 3.63 -23.84 -30.31
C GLN B 414 2.25 -24.51 -30.51
N ALA B 415 1.94 -25.56 -29.70
CA ALA B 415 0.65 -26.24 -29.75
C ALA B 415 -0.45 -25.40 -29.10
N LEU B 416 -0.17 -24.81 -27.91
CA LEU B 416 -1.11 -23.98 -27.16
C LEU B 416 -1.54 -22.74 -27.96
N ALA B 417 -0.65 -22.23 -28.81
CA ALA B 417 -0.94 -21.06 -29.62
C ALA B 417 -2.08 -21.28 -30.61
N GLN B 418 -2.32 -22.53 -31.03
CA GLN B 418 -3.39 -22.81 -32.00
C GLN B 418 -4.77 -23.02 -31.34
N ILE B 419 -4.91 -22.70 -30.04
CA ILE B 419 -6.21 -22.84 -29.37
C ILE B 419 -7.08 -21.63 -29.63
N SER B 420 -8.39 -21.84 -29.62
CA SER B 420 -9.37 -20.78 -29.80
C SER B 420 -10.64 -21.18 -29.07
N LEU B 421 -11.41 -20.19 -28.57
CA LEU B 421 -12.67 -20.50 -27.88
C LEU B 421 -13.65 -21.28 -28.78
N PRO B 422 -13.84 -20.90 -30.07
CA PRO B 422 -14.73 -21.69 -30.93
C PRO B 422 -14.33 -23.18 -31.00
N ARG B 423 -13.03 -23.48 -31.14
CA ARG B 423 -12.56 -24.87 -31.20
C ARG B 423 -12.79 -25.65 -29.87
N ILE B 424 -12.83 -24.94 -28.72
CA ILE B 424 -13.14 -25.55 -27.41
C ILE B 424 -14.64 -25.92 -27.35
N ILE B 425 -15.50 -25.11 -27.97
CA ILE B 425 -16.93 -25.36 -28.08
C ILE B 425 -17.15 -26.61 -28.97
N CYS B 426 -16.36 -26.70 -30.08
CA CYS B 426 -16.30 -27.78 -31.08
C CYS B 426 -16.08 -29.14 -30.40
N ASP B 427 -15.18 -29.16 -29.41
CA ASP B 427 -14.74 -30.33 -28.68
C ASP B 427 -15.64 -30.74 -27.52
N ASN B 428 -16.18 -29.76 -26.78
CA ASN B 428 -16.99 -30.06 -25.61
C ASN B 428 -18.49 -29.91 -25.77
N THR B 429 -19.02 -29.78 -27.00
CA THR B 429 -20.48 -29.65 -27.19
C THR B 429 -20.93 -30.35 -28.50
N GLY B 430 -22.25 -30.48 -28.68
CA GLY B 430 -22.80 -30.99 -29.94
C GLY B 430 -22.95 -29.90 -31.00
N ILE B 431 -22.38 -28.70 -30.74
CA ILE B 431 -22.42 -27.57 -31.67
C ILE B 431 -21.51 -27.87 -32.87
N THR B 432 -22.12 -27.98 -34.08
CA THR B 432 -21.40 -28.30 -35.32
C THR B 432 -20.81 -27.07 -36.00
N THR B 433 -21.48 -25.92 -35.90
CA THR B 433 -21.02 -24.70 -36.54
C THR B 433 -20.72 -23.60 -35.51
N VAL B 434 -19.44 -23.21 -35.38
CA VAL B 434 -18.99 -22.20 -34.43
C VAL B 434 -18.33 -20.96 -35.08
N SER B 435 -18.28 -19.82 -34.35
CA SER B 435 -17.76 -18.49 -34.73
C SER B 435 -16.39 -18.47 -35.42
N LYS B 436 -16.22 -17.60 -36.42
CA LYS B 436 -14.92 -17.42 -37.08
C LYS B 436 -14.14 -16.43 -36.20
N ASN B 437 -12.88 -16.75 -35.86
CA ASN B 437 -12.06 -15.87 -35.02
C ASN B 437 -11.87 -14.49 -35.64
N ASN B 438 -11.94 -13.40 -34.85
CA ASN B 438 -12.14 -13.32 -33.41
C ASN B 438 -13.58 -13.72 -33.01
N ILE B 439 -13.72 -14.60 -32.01
CA ILE B 439 -15.04 -15.05 -31.55
C ILE B 439 -15.82 -13.89 -30.91
N PHE B 440 -15.12 -12.98 -30.22
CA PHE B 440 -15.71 -11.81 -29.57
C PHE B 440 -16.20 -10.75 -30.56
N MET B 441 -15.71 -10.77 -31.81
CA MET B 441 -16.11 -9.83 -32.86
C MET B 441 -17.19 -10.45 -33.74
N SER B 442 -17.06 -11.75 -34.05
CA SER B 442 -18.03 -12.46 -34.87
C SER B 442 -19.37 -12.52 -34.16
N ASN B 443 -20.38 -11.87 -34.75
CA ASN B 443 -21.71 -11.80 -34.17
C ASN B 443 -22.84 -11.93 -35.19
N SER B 444 -22.55 -12.44 -36.40
CA SER B 444 -23.59 -12.54 -37.43
C SER B 444 -23.66 -13.89 -38.08
N TYR B 445 -24.86 -14.45 -38.15
CA TYR B 445 -25.05 -15.74 -38.79
C TYR B 445 -25.75 -15.56 -40.15
N PRO B 446 -25.27 -16.24 -41.21
CA PRO B 446 -24.13 -17.15 -41.24
C PRO B 446 -22.81 -16.51 -41.68
N ARG B 447 -22.78 -15.16 -41.84
CA ARG B 447 -21.64 -14.38 -42.32
C ARG B 447 -20.33 -14.69 -41.60
N ASP B 448 -20.38 -14.75 -40.27
CA ASP B 448 -19.21 -14.98 -39.44
C ASP B 448 -19.14 -16.39 -38.87
N PHE B 449 -19.84 -17.38 -39.47
CA PHE B 449 -19.85 -18.73 -38.94
C PHE B 449 -19.21 -19.74 -39.87
N VAL B 450 -18.49 -20.73 -39.31
CA VAL B 450 -17.78 -21.82 -40.01
C VAL B 450 -18.09 -23.20 -39.36
N ASN B 451 -17.66 -24.34 -39.94
CA ASN B 451 -17.91 -25.66 -39.35
C ASN B 451 -16.77 -26.11 -38.41
N CYS B 452 -16.90 -27.29 -37.74
CA CYS B 452 -15.90 -27.84 -36.82
C CYS B 452 -14.64 -28.31 -37.54
N SER B 453 -14.80 -28.88 -38.74
CA SER B 453 -13.68 -29.47 -39.49
C SER B 453 -12.64 -28.47 -40.01
N THR B 454 -12.97 -27.18 -40.03
CA THR B 454 -12.02 -26.14 -40.46
C THR B 454 -11.11 -25.73 -39.31
N LEU B 455 -11.62 -25.77 -38.07
CA LEU B 455 -10.83 -25.43 -36.89
C LEU B 455 -10.08 -26.67 -36.43
N PRO B 456 -8.75 -26.60 -36.36
CA PRO B 456 -7.99 -27.76 -35.85
C PRO B 456 -7.99 -27.79 -34.33
N ALA B 457 -8.04 -28.99 -33.75
CA ALA B 457 -8.06 -29.16 -32.30
C ALA B 457 -6.62 -29.11 -31.71
N LEU B 458 -6.49 -29.03 -30.36
CA LEU B 458 -5.18 -28.98 -29.73
C LEU B 458 -4.52 -30.36 -29.78
N ASN B 459 -3.35 -30.42 -30.42
CA ASN B 459 -2.58 -31.66 -30.51
C ASN B 459 -1.66 -31.76 -29.30
N LEU B 460 -1.98 -32.69 -28.40
CA LEU B 460 -1.20 -32.86 -27.18
C LEU B 460 -0.04 -33.82 -27.31
N ALA B 461 0.47 -34.03 -28.54
CA ALA B 461 1.61 -34.91 -28.78
C ALA B 461 2.84 -34.44 -28.00
N SER B 462 3.03 -33.12 -27.95
CA SER B 462 4.14 -32.50 -27.22
C SER B 462 4.09 -32.71 -25.71
N TRP B 463 3.06 -33.40 -25.19
CA TRP B 463 2.88 -33.63 -23.76
C TRP B 463 3.25 -35.05 -23.33
N ARG B 464 3.35 -36.01 -24.27
CA ARG B 464 3.64 -37.40 -23.91
C ARG B 464 5.10 -37.67 -23.50
N GLU B 465 5.28 -38.69 -22.65
CA GLU B 465 6.56 -39.17 -22.12
C GLU B 465 6.86 -40.55 -22.69
N CYS C 1 -13.78 17.51 10.44
CA CYS C 1 -12.85 18.18 9.52
C CYS C 1 -13.31 19.61 9.19
N PRO C 2 -12.81 20.62 9.94
CA PRO C 2 -13.26 21.99 9.71
C PRO C 2 -12.93 22.55 8.34
N GLU C 3 -13.82 23.43 7.83
CA GLU C 3 -13.72 24.03 6.50
C GLU C 3 -12.61 25.06 6.38
N GLN C 4 -12.30 25.75 7.49
CA GLN C 4 -11.24 26.75 7.52
C GLN C 4 -10.50 26.62 8.85
N ASP C 5 -9.16 26.55 8.81
CA ASP C 5 -8.36 26.43 10.03
C ASP C 5 -7.04 27.20 9.90
N LYS C 6 -6.55 27.76 11.02
CA LYS C 6 -5.30 28.52 10.98
C LYS C 6 -4.06 27.69 11.42
N TYR C 7 -4.29 26.67 12.26
CA TYR C 7 -3.20 25.90 12.81
C TYR C 7 -3.34 24.42 12.59
N ARG C 8 -2.22 23.73 12.63
CA ARG C 8 -2.14 22.30 12.54
C ARG C 8 -2.81 21.70 13.78
N THR C 9 -3.40 20.50 13.63
CA THR C 9 -3.91 19.81 14.79
C THR C 9 -2.69 19.21 15.49
N ILE C 10 -2.84 18.81 16.77
CA ILE C 10 -1.71 18.18 17.44
C ILE C 10 -1.39 16.82 16.81
N THR C 11 -2.43 16.07 16.41
CA THR C 11 -2.26 14.72 15.83
C THR C 11 -1.97 14.64 14.34
N GLY C 12 -2.11 15.74 13.60
CA GLY C 12 -1.90 15.71 12.16
C GLY C 12 -3.17 15.35 11.39
N MET C 13 -4.25 14.97 12.10
CA MET C 13 -5.55 14.67 11.55
C MET C 13 -6.06 15.94 10.84
N CYS C 14 -6.55 15.81 9.61
CA CYS C 14 -7.08 16.91 8.82
C CYS C 14 -6.07 17.69 7.99
N ASN C 15 -4.78 17.27 7.96
CA ASN C 15 -3.82 17.98 7.09
C ASN C 15 -4.21 17.72 5.64
N ASN C 16 -4.50 16.46 5.30
CA ASN C 16 -5.04 16.11 3.98
C ASN C 16 -6.53 16.03 4.18
N ARG C 17 -7.30 16.94 3.60
CA ARG C 17 -8.74 16.95 3.80
C ARG C 17 -9.43 15.79 3.12
N ARG C 18 -8.87 15.27 2.01
CA ARG C 18 -9.48 14.15 1.25
C ARG C 18 -9.29 12.83 1.99
N SER C 19 -8.10 12.63 2.56
CA SER C 19 -7.81 11.45 3.36
C SER C 19 -7.32 12.01 4.72
N PRO C 20 -8.23 12.41 5.62
CA PRO C 20 -7.83 13.07 6.87
C PRO C 20 -6.71 12.48 7.71
N THR C 21 -6.54 11.13 7.71
CA THR C 21 -5.52 10.48 8.55
C THR C 21 -4.14 10.42 7.96
N LEU C 22 -3.95 10.88 6.71
CA LEU C 22 -2.63 10.78 6.09
C LEU C 22 -1.66 11.68 6.79
N GLY C 23 -0.68 11.07 7.46
CA GLY C 23 0.31 11.84 8.20
C GLY C 23 0.01 11.98 9.67
N ALA C 24 -1.20 11.62 10.10
CA ALA C 24 -1.61 11.64 11.49
C ALA C 24 -0.87 10.56 12.32
N SER C 25 -0.80 10.76 13.67
CA SER C 25 -0.13 9.85 14.58
C SER C 25 -0.94 8.59 14.90
N ASN C 26 -0.28 7.51 15.25
CA ASN C 26 -0.89 6.21 15.61
C ASN C 26 -1.70 5.62 14.49
N ARG C 27 -1.03 5.44 13.35
CA ARG C 27 -1.56 4.90 12.10
C ARG C 27 -0.46 4.07 11.42
N ALA C 28 -0.83 3.06 10.63
CA ALA C 28 0.16 2.23 9.94
C ALA C 28 0.99 2.97 8.91
N PHE C 29 2.27 2.59 8.77
CA PHE C 29 3.16 3.20 7.78
C PHE C 29 2.65 2.91 6.37
N VAL C 30 3.01 3.75 5.41
CA VAL C 30 2.74 3.40 4.02
C VAL C 30 3.83 2.37 3.61
N ARG C 31 3.61 1.57 2.54
CA ARG C 31 4.64 0.65 2.10
C ARG C 31 4.96 0.95 0.69
N TRP C 32 6.24 1.16 0.43
CA TRP C 32 6.67 1.40 -0.95
C TRP C 32 6.89 0.09 -1.72
N LEU C 33 7.10 -1.04 -1.03
CA LEU C 33 7.20 -2.38 -1.62
C LEU C 33 6.44 -3.35 -0.73
N PRO C 34 5.91 -4.50 -1.23
CA PRO C 34 5.22 -5.44 -0.34
C PRO C 34 6.17 -6.12 0.62
N ALA C 35 5.66 -6.47 1.81
CA ALA C 35 6.48 -7.11 2.84
C ALA C 35 6.95 -8.51 2.48
N GLU C 36 8.14 -8.85 2.96
CA GLU C 36 8.70 -10.17 2.77
C GLU C 36 8.87 -10.78 4.14
N TYR C 37 7.97 -11.70 4.47
CA TYR C 37 8.02 -12.41 5.72
C TYR C 37 8.24 -13.87 5.39
N GLU C 38 8.79 -14.58 6.35
CA GLU C 38 9.08 -16.01 6.31
C GLU C 38 7.87 -16.80 5.90
N ASP C 39 6.72 -16.52 6.51
CA ASP C 39 5.49 -17.22 6.16
C ASP C 39 4.56 -16.46 5.21
N GLY C 40 5.05 -15.41 4.58
CA GLY C 40 4.25 -14.62 3.67
C GLY C 40 3.51 -13.45 4.30
N PHE C 41 3.19 -13.52 5.62
CA PHE C 41 2.40 -12.45 6.22
C PHE C 41 2.76 -11.95 7.63
N SER C 42 3.63 -12.66 8.41
CA SER C 42 3.93 -12.20 9.77
C SER C 42 5.28 -12.57 10.34
N LEU C 43 5.72 -13.83 10.21
CA LEU C 43 6.98 -14.28 10.78
C LEU C 43 8.16 -13.65 10.07
N PRO C 44 9.09 -13.06 10.81
CA PRO C 44 10.24 -12.43 10.17
C PRO C 44 11.28 -13.44 9.68
N TYR C 45 12.03 -13.13 8.60
CA TYR C 45 13.12 -14.02 8.18
C TYR C 45 14.14 -14.20 9.31
N GLY C 46 14.57 -15.43 9.53
CA GLY C 46 15.43 -15.74 10.66
C GLY C 46 14.68 -16.21 11.90
N TRP C 47 13.35 -16.35 11.78
CA TRP C 47 12.52 -16.83 12.88
C TRP C 47 12.62 -18.35 13.01
N THR C 48 12.37 -19.08 11.91
CA THR C 48 12.42 -20.54 11.93
C THR C 48 13.76 -21.10 11.52
N PRO C 49 14.38 -21.89 12.40
CA PRO C 49 15.67 -22.51 12.05
C PRO C 49 15.53 -23.42 10.84
N GLY C 50 16.48 -23.32 9.94
CA GLY C 50 16.49 -24.14 8.74
C GLY C 50 15.81 -23.51 7.53
N VAL C 51 14.95 -22.49 7.77
CA VAL C 51 14.23 -21.81 6.71
C VAL C 51 15.11 -20.77 6.01
N LYS C 52 15.52 -21.09 4.77
CA LYS C 52 16.38 -20.22 3.96
C LYS C 52 15.61 -19.00 3.45
N ARG C 53 16.31 -17.98 2.97
CA ARG C 53 15.68 -16.81 2.37
C ARG C 53 16.23 -16.71 0.96
N ASN C 54 15.35 -16.77 -0.05
CA ASN C 54 15.72 -16.69 -1.46
C ASN C 54 16.85 -17.65 -1.83
N GLY C 55 16.87 -18.83 -1.22
CA GLY C 55 17.89 -19.82 -1.51
C GLY C 55 19.17 -19.71 -0.73
N PHE C 56 19.23 -18.83 0.24
CA PHE C 56 20.44 -18.66 1.06
C PHE C 56 20.10 -18.59 2.53
N PRO C 57 20.84 -19.31 3.39
CA PRO C 57 20.57 -19.22 4.84
C PRO C 57 20.62 -17.79 5.35
N VAL C 58 19.82 -17.51 6.37
CA VAL C 58 19.74 -16.17 6.91
C VAL C 58 20.87 -15.95 7.89
N ALA C 59 21.70 -14.93 7.64
CA ALA C 59 22.83 -14.63 8.54
C ALA C 59 22.36 -13.94 9.81
N LEU C 60 22.92 -14.34 10.95
CA LEU C 60 22.60 -13.77 12.27
C LEU C 60 22.96 -12.30 12.26
N ALA C 61 22.05 -11.42 12.70
CA ALA C 61 22.32 -9.97 12.66
C ALA C 61 23.58 -9.59 13.42
N ARG C 62 23.85 -10.26 14.54
CA ARG C 62 25.03 -9.98 15.33
C ARG C 62 26.32 -10.46 14.59
N ALA C 63 26.23 -11.56 13.80
CA ALA C 63 27.34 -12.05 12.99
C ALA C 63 27.65 -11.04 11.88
N VAL C 64 26.62 -10.40 11.30
CA VAL C 64 26.82 -9.39 10.26
C VAL C 64 27.49 -8.17 10.86
N SER C 65 27.00 -7.75 12.05
CA SER C 65 27.57 -6.64 12.77
C SER C 65 29.05 -6.89 13.08
N ASN C 66 29.37 -8.13 13.51
CA ASN C 66 30.71 -8.54 13.87
C ASN C 66 31.69 -8.61 12.74
N GLU C 67 31.26 -9.14 11.59
CA GLU C 67 32.18 -9.35 10.47
C GLU C 67 32.25 -8.19 9.50
N ILE C 68 31.22 -7.31 9.48
CA ILE C 68 31.19 -6.21 8.53
C ILE C 68 31.31 -4.83 9.20
N VAL C 69 30.65 -4.63 10.36
CA VAL C 69 30.59 -3.32 11.03
C VAL C 69 31.75 -3.05 11.98
N ARG C 70 32.12 -4.03 12.84
CA ARG C 70 33.20 -3.92 13.83
C ARG C 70 34.48 -3.32 13.27
N PHE C 71 35.04 -2.30 13.94
CA PHE C 71 36.30 -1.68 13.50
C PHE C 71 37.12 -1.14 14.70
N PRO C 72 38.46 -0.98 14.57
CA PRO C 72 39.24 -0.44 15.71
C PRO C 72 38.96 1.04 15.89
N THR C 73 38.37 1.41 17.05
CA THR C 73 37.98 2.79 17.37
C THR C 73 39.18 3.79 17.31
N ASP C 74 40.41 3.27 17.24
CA ASP C 74 41.66 4.02 17.09
C ASP C 74 41.76 4.64 15.68
N GLN C 75 41.19 3.97 14.64
CA GLN C 75 41.28 4.39 13.22
C GLN C 75 40.13 5.25 12.73
N LEU C 76 39.31 5.78 13.64
CA LEU C 76 38.15 6.61 13.25
C LEU C 76 38.57 7.80 12.37
N THR C 77 37.89 8.03 11.26
CA THR C 77 38.21 9.15 10.37
C THR C 77 37.29 10.32 10.69
N PRO C 78 37.88 11.47 11.09
CA PRO C 78 37.05 12.63 11.40
C PRO C 78 36.63 13.39 10.14
N ASP C 79 35.32 13.60 9.98
CA ASP C 79 34.80 14.30 8.83
C ASP C 79 35.34 15.70 8.77
N GLN C 80 36.22 15.95 7.80
CA GLN C 80 36.80 17.28 7.63
C GLN C 80 35.76 18.31 7.14
N GLU C 81 34.52 17.88 6.77
CA GLU C 81 33.51 18.81 6.31
C GLU C 81 32.17 18.73 7.02
N ARG C 82 32.07 18.01 8.16
CA ARG C 82 30.82 17.97 8.94
C ARG C 82 31.11 17.97 10.45
N SER C 83 30.23 18.62 11.23
CA SER C 83 30.35 18.70 12.69
C SER C 83 29.42 17.66 13.34
N LEU C 84 29.62 17.39 14.63
CA LEU C 84 28.78 16.46 15.38
C LEU C 84 27.32 16.94 15.46
N MET C 85 27.09 18.24 15.19
CA MET C 85 25.78 18.87 15.14
C MET C 85 24.97 18.25 13.99
N PHE C 86 25.61 17.96 12.85
CA PHE C 86 25.02 17.30 11.67
C PHE C 86 24.43 15.96 12.07
N MET C 87 25.11 15.22 12.94
CA MET C 87 24.62 13.94 13.43
C MET C 87 23.40 14.19 14.31
N GLN C 88 23.54 15.04 15.35
CA GLN C 88 22.51 15.33 16.34
C GLN C 88 21.22 15.87 15.75
N TRP C 89 21.32 16.77 14.76
CA TRP C 89 20.13 17.32 14.12
C TRP C 89 19.38 16.19 13.39
N GLY C 90 20.08 15.18 12.86
CA GLY C 90 19.43 14.05 12.22
C GLY C 90 18.58 13.26 13.18
N GLN C 91 19.15 12.94 14.36
CA GLN C 91 18.44 12.16 15.37
C GLN C 91 17.22 12.92 15.86
N LEU C 92 17.36 14.26 16.07
CA LEU C 92 16.26 15.13 16.52
C LEU C 92 15.14 15.18 15.45
N LEU C 93 15.53 15.38 14.17
CA LEU C 93 14.61 15.41 13.07
C LEU C 93 13.92 14.03 12.94
N ASP C 94 14.66 12.92 13.08
CA ASP C 94 14.07 11.57 13.03
C ASP C 94 12.94 11.44 14.09
N HIS C 95 13.11 12.14 15.22
CA HIS C 95 12.21 12.14 16.36
C HIS C 95 11.01 13.05 16.22
N ASP C 96 10.88 13.71 15.05
CA ASP C 96 9.76 14.52 14.61
C ASP C 96 8.91 13.67 13.62
N LEU C 97 9.54 12.71 12.92
CA LEU C 97 8.90 11.96 11.87
C LEU C 97 8.34 10.62 12.27
N ASP C 98 9.10 9.82 13.06
CA ASP C 98 8.63 8.47 13.37
C ASP C 98 9.12 7.86 14.69
N PHE C 99 8.24 7.03 15.27
CA PHE C 99 8.47 6.25 16.48
C PHE C 99 7.63 4.99 16.31
N THR C 100 8.26 3.81 16.35
CA THR C 100 7.55 2.56 16.13
C THR C 100 7.41 1.87 17.46
N PRO C 101 6.22 1.95 18.07
CA PRO C 101 6.05 1.28 19.38
C PRO C 101 6.21 -0.24 19.40
N GLU C 102 6.57 -0.75 20.56
CA GLU C 102 6.73 -2.18 20.86
C GLU C 102 6.03 -2.43 22.21
N PRO C 103 5.74 -3.69 22.61
CA PRO C 103 5.12 -3.93 23.92
C PRO C 103 6.09 -3.77 25.14
N ALA C 104 5.71 -4.32 26.35
CA ALA C 104 6.51 -4.19 27.58
C ALA C 104 6.40 -5.43 28.55
N VAL D 1 6.44 -14.10 28.84
CA VAL D 1 7.80 -13.99 28.31
C VAL D 1 8.28 -12.55 28.29
N ASN D 2 9.23 -12.25 29.19
CA ASN D 2 9.76 -10.90 29.28
C ASN D 2 10.92 -10.84 28.36
N CYS D 3 10.78 -10.25 27.15
CA CYS D 3 11.96 -10.14 26.24
C CYS D 3 13.12 -9.41 26.91
N GLU D 4 12.87 -8.65 28.00
CA GLU D 4 13.92 -7.94 28.74
C GLU D 4 14.88 -8.96 29.33
N THR D 5 14.36 -10.09 29.87
CA THR D 5 15.17 -11.10 30.56
C THR D 5 15.27 -12.49 29.93
N SER D 6 14.32 -12.89 29.08
CA SER D 6 14.32 -14.24 28.53
C SER D 6 14.99 -14.35 27.17
N CYS D 7 15.38 -15.57 26.80
CA CYS D 7 15.98 -15.92 25.52
C CYS D 7 15.06 -16.71 24.60
N VAL D 8 13.87 -17.08 25.10
CA VAL D 8 12.90 -17.87 24.36
C VAL D 8 12.28 -17.08 23.24
N GLN D 9 12.28 -17.64 22.03
CA GLN D 9 11.66 -17.01 20.86
C GLN D 9 10.20 -17.37 20.86
N GLN D 10 9.41 -16.58 21.59
CA GLN D 10 7.97 -16.74 21.72
C GLN D 10 7.38 -15.32 21.63
N PRO D 11 6.29 -15.11 20.86
CA PRO D 11 5.72 -13.75 20.71
C PRO D 11 5.49 -13.01 22.01
N PRO D 12 5.76 -11.69 22.07
CA PRO D 12 6.27 -10.82 21.01
C PRO D 12 7.79 -10.71 20.95
N CYS D 13 8.50 -11.69 21.49
CA CYS D 13 9.95 -11.66 21.55
C CYS D 13 10.59 -12.20 20.28
N PHE D 14 11.63 -11.54 19.80
CA PHE D 14 12.42 -12.00 18.65
C PHE D 14 13.90 -11.73 18.95
N PRO D 15 14.47 -12.42 19.96
CA PRO D 15 15.86 -12.15 20.33
C PRO D 15 16.87 -12.44 19.24
N LEU D 16 17.99 -11.72 19.33
CA LEU D 16 19.12 -11.85 18.42
C LEU D 16 20.03 -12.98 18.95
N LYS D 17 20.13 -14.10 18.21
CA LYS D 17 20.94 -15.24 18.60
C LYS D 17 22.44 -14.88 18.60
N ILE D 18 23.26 -15.55 19.46
CA ILE D 18 24.68 -15.23 19.54
C ILE D 18 25.54 -16.15 18.68
N PRO D 19 26.37 -15.56 17.80
CA PRO D 19 27.20 -16.38 16.92
C PRO D 19 28.41 -17.00 17.64
N PRO D 20 28.98 -18.07 17.07
CA PRO D 20 30.17 -18.66 17.69
C PRO D 20 31.35 -17.70 17.61
N ASN D 21 32.23 -17.76 18.63
CA ASN D 21 33.41 -16.90 18.71
C ASN D 21 33.00 -15.40 18.66
N ASP D 22 32.01 -15.02 19.47
CA ASP D 22 31.59 -13.62 19.51
C ASP D 22 32.66 -12.88 20.29
N PRO D 23 33.08 -11.70 19.80
CA PRO D 23 34.13 -10.93 20.49
C PRO D 23 33.80 -10.52 21.93
N ARG D 24 32.52 -10.23 22.24
CA ARG D 24 32.14 -9.79 23.57
C ARG D 24 31.32 -10.85 24.34
N ILE D 25 30.41 -11.53 23.66
CA ILE D 25 29.53 -12.51 24.28
C ILE D 25 30.02 -13.95 24.11
N LYS D 26 30.66 -14.49 25.16
CA LYS D 26 31.20 -15.84 25.10
C LYS D 26 30.15 -16.92 25.40
N ASN D 27 29.08 -16.58 26.11
CA ASN D 27 28.00 -17.52 26.40
C ASN D 27 27.07 -17.60 25.19
N GLN D 28 26.96 -18.80 24.55
CA GLN D 28 26.07 -18.90 23.37
C GLN D 28 24.58 -19.16 23.73
N ALA D 29 24.28 -19.36 25.02
CA ALA D 29 22.89 -19.50 25.47
C ALA D 29 22.20 -18.12 25.70
N ASP D 30 22.99 -17.04 25.76
CA ASP D 30 22.48 -15.69 25.92
C ASP D 30 21.94 -15.15 24.58
N CYS D 31 21.48 -13.90 24.57
CA CYS D 31 20.92 -13.27 23.38
C CYS D 31 20.98 -11.74 23.55
N ILE D 32 20.60 -11.01 22.50
CA ILE D 32 20.45 -9.58 22.59
C ILE D 32 18.92 -9.34 22.57
N PRO D 33 18.39 -8.75 23.65
CA PRO D 33 16.93 -8.60 23.76
C PRO D 33 16.26 -7.82 22.65
N PHE D 34 15.09 -8.30 22.20
CA PHE D 34 14.36 -7.64 21.14
C PHE D 34 12.86 -7.91 21.20
N PHE D 35 12.07 -6.84 21.26
CA PHE D 35 10.62 -6.90 21.21
C PHE D 35 10.21 -6.60 19.76
N ARG D 36 9.34 -7.42 19.16
CA ARG D 36 8.84 -7.14 17.81
C ARG D 36 7.97 -5.91 17.88
N SER D 37 8.04 -5.04 16.87
CA SER D 37 7.20 -3.85 16.79
C SER D 37 5.71 -4.21 16.79
N PRO D 39 2.01 -4.76 15.86
CA PRO D 39 1.36 -4.78 14.54
C PRO D 39 0.18 -3.81 14.46
N ALA D 40 -0.12 -3.29 13.27
CA ALA D 40 -1.26 -2.39 13.07
C ALA D 40 -2.58 -3.13 13.29
N CYS D 41 -2.60 -4.40 12.93
CA CYS D 41 -3.74 -5.26 13.03
C CYS D 41 -3.39 -6.50 13.88
N PRO D 42 -3.38 -6.35 15.22
CA PRO D 42 -3.03 -7.48 16.08
C PRO D 42 -3.78 -8.78 15.79
N GLY D 43 -3.01 -9.86 15.73
CA GLY D 43 -3.48 -11.22 15.46
C GLY D 43 -4.42 -11.33 14.28
N SER D 44 -3.87 -11.23 13.06
CA SER D 44 -4.70 -11.32 11.85
C SER D 44 -4.07 -12.28 10.87
N ASN D 45 -4.91 -13.13 10.30
CA ASN D 45 -4.46 -14.08 9.29
C ASN D 45 -4.83 -13.63 7.86
N ILE D 46 -5.23 -12.35 7.66
CA ILE D 46 -5.70 -11.81 6.38
C ILE D 46 -4.78 -10.71 5.86
N THR D 47 -4.34 -9.87 6.77
CA THR D 47 -3.55 -8.71 6.43
C THR D 47 -2.07 -9.02 6.55
N ILE D 48 -1.26 -8.42 5.69
CA ILE D 48 0.18 -8.61 5.78
C ILE D 48 0.66 -7.68 6.87
N ARG D 49 1.24 -8.25 7.96
CA ARG D 49 1.74 -7.49 9.11
C ARG D 49 2.47 -6.21 8.75
N ASN D 50 2.03 -5.10 9.33
CA ASN D 50 2.63 -3.79 9.15
C ASN D 50 2.76 -3.13 10.53
N GLN D 51 3.65 -2.16 10.64
CA GLN D 51 3.91 -1.53 11.92
C GLN D 51 3.22 -0.13 12.02
N ILE D 52 3.28 0.51 13.21
CA ILE D 52 2.62 1.79 13.46
C ILE D 52 3.57 2.98 13.61
N ASN D 53 3.23 4.15 13.07
CA ASN D 53 4.00 5.36 13.36
C ASN D 53 3.21 6.07 14.46
N ALA D 54 3.78 6.19 15.66
CA ALA D 54 3.15 6.84 16.80
C ALA D 54 3.21 8.37 16.74
N LEU D 55 3.85 8.94 15.69
CA LEU D 55 4.05 10.39 15.58
C LEU D 55 3.45 10.98 14.30
N THR D 56 3.31 12.31 14.24
CA THR D 56 2.89 12.98 13.02
C THR D 56 4.09 12.93 12.06
N SER D 57 3.86 12.48 10.82
CA SER D 57 4.94 12.43 9.84
C SER D 57 5.47 13.82 9.49
N PHE D 58 4.62 14.83 9.61
CA PHE D 58 4.92 16.20 9.29
C PHE D 58 6.15 16.74 10.00
N VAL D 59 6.89 17.68 9.36
CA VAL D 59 8.01 18.31 10.06
C VAL D 59 7.34 19.50 10.74
N ASP D 60 6.68 19.22 11.85
CA ASP D 60 5.88 20.18 12.60
C ASP D 60 6.38 20.37 14.05
N ALA D 61 7.66 20.04 14.32
CA ALA D 61 8.25 20.05 15.64
C ALA D 61 7.42 19.22 16.65
N SER D 62 6.90 18.06 16.21
CA SER D 62 6.10 17.23 17.12
C SER D 62 6.95 16.53 18.19
N MET D 63 8.29 16.64 18.10
CA MET D 63 9.17 16.18 19.18
C MET D 63 9.22 17.23 20.33
N VAL D 64 8.57 18.40 20.16
CA VAL D 64 8.53 19.46 21.15
C VAL D 64 7.11 19.58 21.72
N TYR D 65 6.10 19.49 20.84
CA TYR D 65 4.70 19.66 21.24
C TYR D 65 3.92 18.38 21.49
N GLY D 66 4.36 17.26 20.94
CA GLY D 66 3.65 16.00 21.09
C GLY D 66 2.79 15.67 19.88
N SER D 67 2.48 14.39 19.70
CA SER D 67 1.63 13.98 18.58
C SER D 67 0.22 13.54 18.99
N GLU D 68 -0.13 13.66 20.29
CA GLU D 68 -1.44 13.30 20.82
C GLU D 68 -1.89 14.38 21.82
N GLU D 69 -3.18 14.76 21.77
CA GLU D 69 -3.77 15.83 22.56
C GLU D 69 -3.50 15.78 24.09
N PRO D 70 -3.60 14.64 24.81
CA PRO D 70 -3.33 14.67 26.26
C PRO D 70 -1.89 14.97 26.65
N LEU D 71 -0.90 14.46 25.89
CA LEU D 71 0.51 14.77 26.16
C LEU D 71 0.76 16.27 25.88
N ALA D 72 0.23 16.77 24.76
CA ALA D 72 0.38 18.14 24.30
C ALA D 72 -0.05 19.14 25.34
N ARG D 73 -1.17 18.87 26.01
CA ARG D 73 -1.71 19.74 27.04
C ARG D 73 -0.80 19.73 28.25
N ASN D 74 -0.41 18.54 28.68
CA ASN D 74 0.47 18.37 29.82
C ASN D 74 1.87 18.97 29.60
N LEU D 75 2.24 19.28 28.35
CA LEU D 75 3.49 19.95 28.06
C LEU D 75 3.36 21.48 28.20
N ARG D 76 2.15 22.04 28.27
CA ARG D 76 1.98 23.48 28.35
C ARG D 76 1.84 24.00 29.80
N ASN D 77 2.10 25.30 30.01
CA ASN D 77 1.98 25.97 31.31
C ASN D 77 0.54 26.52 31.33
N MET D 78 -0.36 25.81 32.03
CA MET D 78 -1.77 26.21 32.09
C MET D 78 -2.12 27.10 33.33
N SER D 79 -1.11 27.44 34.13
CA SER D 79 -1.26 28.30 35.28
C SER D 79 -1.48 29.79 34.86
N ASN D 80 -1.30 30.13 33.56
CA ASN D 80 -1.50 31.51 33.11
C ASN D 80 -1.82 31.58 31.61
N GLN D 81 -2.21 32.77 31.13
CA GLN D 81 -2.53 33.00 29.72
C GLN D 81 -1.31 33.48 28.90
N LEU D 82 -0.12 32.91 29.14
CA LEU D 82 1.08 33.33 28.42
C LEU D 82 1.53 32.44 27.24
N GLY D 83 0.85 31.32 27.05
CA GLY D 83 1.13 30.44 25.92
C GLY D 83 2.47 29.73 25.97
N LEU D 84 2.98 29.54 27.19
CA LEU D 84 4.27 28.90 27.40
C LEU D 84 4.18 27.38 27.49
N LEU D 85 5.33 26.73 27.32
CA LEU D 85 5.54 25.32 27.51
C LEU D 85 6.04 25.20 28.96
N ALA D 86 5.63 24.17 29.71
CA ALA D 86 6.05 24.00 31.10
C ALA D 86 7.54 23.66 31.31
N VAL D 87 8.13 24.21 32.36
CA VAL D 87 9.54 24.01 32.67
C VAL D 87 9.74 23.18 33.97
N ASN D 88 10.98 22.73 34.21
CA ASN D 88 11.34 21.95 35.39
C ASN D 88 11.20 22.84 36.59
N GLN D 89 10.43 22.42 37.60
CA GLN D 89 10.23 23.24 38.80
C GLN D 89 11.24 22.95 39.91
N ARG D 90 12.38 22.36 39.57
CA ARG D 90 13.40 22.01 40.54
C ARG D 90 14.78 22.57 40.12
N PHE D 91 15.13 22.55 38.82
CA PHE D 91 16.46 23.00 38.37
C PHE D 91 16.44 23.96 37.17
N GLN D 92 17.52 24.76 37.06
CA GLN D 92 17.72 25.73 35.99
C GLN D 92 19.18 25.68 35.48
N ASP D 93 19.38 25.78 34.14
CA ASP D 93 20.72 25.80 33.53
C ASP D 93 21.29 27.23 33.66
N ASN D 94 21.81 27.55 34.86
CA ASN D 94 22.38 28.86 35.16
C ASN D 94 21.37 29.98 34.88
N GLY D 95 20.16 29.82 35.42
CA GLY D 95 19.09 30.79 35.25
C GLY D 95 18.15 30.45 34.12
N ARG D 96 18.66 29.76 33.07
CA ARG D 96 17.91 29.41 31.88
C ARG D 96 17.08 28.13 32.05
N ALA D 97 15.92 28.07 31.34
CA ALA D 97 14.94 26.99 31.46
C ALA D 97 15.44 25.59 31.18
N LEU D 98 14.91 24.60 31.91
CA LEU D 98 15.25 23.18 31.72
C LEU D 98 13.94 22.34 31.47
N LEU D 99 14.00 21.25 30.68
CA LEU D 99 12.83 20.40 30.41
C LEU D 99 12.21 19.88 31.69
N PRO D 100 10.87 19.72 31.77
CA PRO D 100 10.29 19.19 33.02
C PRO D 100 10.52 17.67 33.17
N PHE D 101 10.59 17.18 34.42
CA PHE D 101 10.78 15.76 34.67
C PHE D 101 9.51 14.95 34.37
N ASP D 102 9.68 13.66 34.12
CA ASP D 102 8.57 12.78 33.80
C ASP D 102 8.38 11.70 34.87
N ASN D 103 7.11 11.42 35.18
CA ASN D 103 6.73 10.40 36.16
C ASN D 103 6.76 8.98 35.51
N LEU D 104 7.87 8.24 35.64
CA LEU D 104 7.96 6.92 35.02
C LEU D 104 7.98 5.78 36.05
N HIS D 105 7.37 4.62 35.71
CA HIS D 105 7.32 3.47 36.64
C HIS D 105 8.71 2.93 36.90
N ASP D 106 9.44 2.57 35.84
CA ASP D 106 10.80 2.10 35.99
C ASP D 106 11.65 3.10 35.23
N ASP D 107 11.97 4.21 35.87
CA ASP D 107 12.75 5.28 35.27
C ASP D 107 14.20 4.83 35.00
N PRO D 108 14.59 4.83 33.72
CA PRO D 108 15.95 4.39 33.38
C PRO D 108 17.03 5.45 33.67
N CYS D 109 16.66 6.75 33.70
CA CYS D 109 17.61 7.80 33.99
C CYS D 109 18.11 7.80 35.43
N LEU D 110 17.32 7.25 36.34
CA LEU D 110 17.72 7.10 37.72
C LEU D 110 18.86 6.05 37.85
N LEU D 111 18.95 5.10 36.89
CA LEU D 111 19.93 4.02 36.90
C LEU D 111 21.36 4.43 36.45
N THR D 112 21.50 5.62 35.86
CA THR D 112 22.79 6.11 35.37
C THR D 112 23.72 6.62 36.50
N ASN D 113 23.17 7.27 37.52
CA ASN D 113 23.89 7.75 38.72
C ASN D 113 22.94 7.42 39.84
N ARG D 114 23.14 6.26 40.45
CA ARG D 114 22.30 5.73 41.50
C ARG D 114 22.08 6.66 42.71
N SER D 115 22.83 7.76 42.83
CA SER D 115 22.67 8.69 43.95
C SER D 115 22.21 10.10 43.52
N ALA D 116 22.25 10.43 42.23
CA ALA D 116 21.84 11.76 41.78
C ALA D 116 20.32 11.96 41.81
N ARG D 117 19.54 10.88 41.66
CA ARG D 117 18.08 10.91 41.65
C ARG D 117 17.51 11.91 40.65
N ILE D 118 18.12 11.95 39.45
CA ILE D 118 17.66 12.81 38.37
C ILE D 118 16.88 11.93 37.41
N PRO D 119 15.53 12.09 37.42
CA PRO D 119 14.67 11.32 36.48
C PRO D 119 14.76 11.77 35.03
N CYS D 120 14.02 11.08 34.14
CA CYS D 120 13.95 11.38 32.70
C CYS D 120 13.21 12.68 32.46
N PHE D 121 13.53 13.35 31.36
CA PHE D 121 12.83 14.56 30.97
C PHE D 121 11.59 14.20 30.15
N LEU D 122 10.58 15.05 30.23
CA LEU D 122 9.31 14.92 29.54
C LEU D 122 9.32 15.90 28.37
N ALA D 123 9.07 15.41 27.17
CA ALA D 123 9.08 16.24 25.97
C ALA D 123 8.06 15.69 24.92
N GLY D 124 7.87 16.38 23.79
CA GLY D 124 6.96 15.95 22.74
C GLY D 124 7.21 14.53 22.26
N ASP D 125 8.44 14.06 22.39
CA ASP D 125 8.80 12.71 22.03
C ASP D 125 9.44 12.05 23.24
N THR D 126 9.02 10.80 23.52
CA THR D 126 9.48 10.04 24.68
C THR D 126 10.97 9.72 24.71
N ARG D 127 11.74 9.99 23.65
CA ARG D 127 13.17 9.64 23.66
C ARG D 127 14.12 10.79 24.07
N SER D 128 13.59 11.85 24.73
CA SER D 128 14.34 13.05 25.11
C SER D 128 15.67 12.81 25.90
N SER D 129 15.68 11.83 26.80
CA SER D 129 16.86 11.62 27.63
C SER D 129 17.81 10.54 27.15
N GLU D 130 17.63 10.02 25.92
CA GLU D 130 18.46 8.94 25.37
C GLU D 130 19.94 9.30 25.34
N MET D 131 20.27 10.58 25.11
CA MET D 131 21.65 11.09 25.13
C MET D 131 21.59 12.60 25.45
N PRO D 132 22.54 13.08 26.29
CA PRO D 132 22.52 14.50 26.68
C PRO D 132 22.50 15.48 25.51
N GLU D 133 23.05 15.07 24.36
CA GLU D 133 23.06 15.85 23.14
C GLU D 133 21.66 16.00 22.54
N LEU D 134 20.82 14.96 22.67
CA LEU D 134 19.44 15.04 22.23
C LEU D 134 18.63 15.90 23.21
N THR D 135 18.91 15.74 24.51
CA THR D 135 18.27 16.50 25.57
C THR D 135 18.57 17.99 25.40
N SER D 136 19.80 18.33 25.00
CA SER D 136 20.21 19.72 24.78
C SER D 136 19.47 20.32 23.61
N MET D 137 19.26 19.54 22.53
CA MET D 137 18.53 20.04 21.37
C MET D 137 17.09 20.35 21.74
N HIS D 138 16.41 19.41 22.44
CA HIS D 138 15.05 19.61 22.94
C HIS D 138 15.02 20.84 23.88
N THR D 139 15.91 20.89 24.90
CA THR D 139 16.02 22.00 25.86
C THR D 139 16.21 23.35 25.17
N LEU D 140 16.92 23.37 24.02
CA LEU D 140 17.13 24.58 23.23
C LEU D 140 15.82 25.03 22.55
N LEU D 141 15.02 24.08 22.02
CA LEU D 141 13.76 24.40 21.35
C LEU D 141 12.65 24.84 22.32
N LEU D 142 12.62 24.29 23.55
CA LEU D 142 11.61 24.69 24.55
C LEU D 142 11.81 26.16 24.91
N ARG D 143 13.07 26.58 25.09
CA ARG D 143 13.37 27.97 25.41
C ARG D 143 12.97 28.89 24.26
N GLU D 144 13.18 28.44 23.00
CA GLU D 144 12.85 29.21 21.82
C GLU D 144 11.37 29.46 21.71
N HIS D 145 10.52 28.45 22.04
CA HIS D 145 9.07 28.64 22.00
C HIS D 145 8.66 29.70 23.05
N ASN D 146 9.21 29.58 24.26
CA ASN D 146 8.93 30.49 25.35
C ASN D 146 9.43 31.91 25.06
N ARG D 147 10.53 32.03 24.30
CA ARG D 147 11.10 33.31 23.91
C ARG D 147 10.16 33.95 22.89
N LEU D 148 9.70 33.17 21.91
CA LEU D 148 8.77 33.66 20.90
C LEU D 148 7.46 34.08 21.53
N ALA D 149 6.85 33.23 22.37
CA ALA D 149 5.59 33.58 23.01
C ALA D 149 5.70 34.84 23.87
N THR D 150 6.90 35.07 24.50
CA THR D 150 7.18 36.23 25.36
C THR D 150 7.30 37.52 24.53
N GLU D 151 7.98 37.43 23.35
CA GLU D 151 8.10 38.60 22.46
C GLU D 151 6.73 38.90 21.86
N LEU D 152 5.95 37.86 21.52
CA LEU D 152 4.61 38.03 20.95
C LEU D 152 3.64 38.68 21.94
N LYS D 153 3.83 38.47 23.26
CA LYS D 153 2.97 39.05 24.28
C LYS D 153 3.23 40.56 24.39
N SER D 154 4.49 40.99 24.23
CA SER D 154 4.81 42.43 24.30
C SER D 154 4.33 43.15 23.04
N LEU D 155 4.39 42.47 21.89
CA LEU D 155 3.95 42.99 20.61
C LEU D 155 2.41 43.06 20.57
N ASN D 156 1.75 41.96 20.93
CA ASN D 156 0.29 41.82 20.91
C ASN D 156 -0.26 41.49 22.30
N PRO D 157 -0.41 42.49 23.18
CA PRO D 157 -0.90 42.20 24.53
C PRO D 157 -2.33 41.72 24.58
N ARG D 158 -3.15 42.07 23.58
CA ARG D 158 -4.54 41.61 23.55
C ARG D 158 -4.69 40.09 23.23
N TRP D 159 -3.59 39.43 22.79
CA TRP D 159 -3.54 37.99 22.48
C TRP D 159 -3.64 37.11 23.71
N ASP D 160 -4.21 35.93 23.56
CA ASP D 160 -4.39 35.01 24.69
C ASP D 160 -3.42 33.78 24.68
N GLY D 161 -3.48 32.94 25.71
CA GLY D 161 -2.64 31.76 25.84
C GLY D 161 -2.64 30.78 24.68
N GLU D 162 -3.84 30.47 24.11
CA GLU D 162 -3.93 29.52 22.98
C GLU D 162 -3.32 30.13 21.72
N ARG D 163 -3.57 31.43 21.51
CA ARG D 163 -3.02 32.16 20.38
C ARG D 163 -1.53 32.22 20.49
N LEU D 164 -0.99 32.64 21.67
CA LEU D 164 0.46 32.74 21.88
C LEU D 164 1.14 31.39 21.66
N TYR D 165 0.55 30.30 22.17
CA TYR D 165 1.10 28.95 21.98
C TYR D 165 1.13 28.55 20.53
N GLN D 166 0.02 28.77 19.80
CA GLN D 166 -0.09 28.36 18.40
C GLN D 166 0.83 29.14 17.49
N GLU D 167 0.88 30.47 17.72
CA GLU D 167 1.71 31.38 16.94
C GLU D 167 3.20 31.12 17.15
N ALA D 168 3.58 30.77 18.39
CA ALA D 168 4.96 30.41 18.72
C ALA D 168 5.27 29.01 18.13
N ARG D 169 4.32 28.07 18.25
CA ARG D 169 4.49 26.72 17.73
C ARG D 169 4.72 26.72 16.22
N LYS D 170 3.90 27.51 15.50
CA LYS D 170 3.96 27.71 14.06
C LYS D 170 5.35 28.26 13.67
N ILE D 171 5.96 29.15 14.49
CA ILE D 171 7.29 29.69 14.20
C ILE D 171 8.37 28.61 14.38
N VAL D 172 8.33 27.92 15.53
CA VAL D 172 9.24 26.82 15.81
C VAL D 172 9.23 25.74 14.71
N GLY D 173 8.05 25.27 14.29
CA GLY D 173 7.93 24.29 13.21
C GLY D 173 8.48 24.80 11.88
N ALA D 174 8.31 26.10 11.57
CA ALA D 174 8.86 26.69 10.35
C ALA D 174 10.39 26.70 10.41
N MET D 175 10.96 26.96 11.60
CA MET D 175 12.40 26.96 11.80
C MET D 175 12.97 25.55 11.63
N VAL D 176 12.23 24.51 12.10
CA VAL D 176 12.68 23.14 11.96
C VAL D 176 12.71 22.76 10.48
N GLN D 177 11.69 23.20 9.72
CA GLN D 177 11.63 22.95 8.28
C GLN D 177 12.80 23.64 7.57
N ILE D 178 13.05 24.93 7.86
CA ILE D 178 14.12 25.70 7.25
C ILE D 178 15.51 25.11 7.51
N ILE D 179 15.83 24.80 8.76
CA ILE D 179 17.14 24.19 9.08
C ILE D 179 17.25 22.80 8.42
N THR D 180 16.15 22.05 8.43
CA THR D 180 16.14 20.73 7.83
C THR D 180 16.34 20.75 6.32
N TYR D 181 15.58 21.58 5.59
CA TYR D 181 15.56 21.59 4.15
C TYR D 181 16.59 22.47 3.51
N ARG D 182 16.91 23.62 4.09
CA ARG D 182 17.89 24.53 3.50
C ARG D 182 19.33 24.16 3.87
N ASP D 183 19.53 23.61 5.08
CA ASP D 183 20.87 23.35 5.57
C ASP D 183 21.22 21.89 5.81
N TYR D 184 20.24 21.08 6.25
CA TYR D 184 20.54 19.69 6.58
C TYR D 184 20.59 18.75 5.37
N LEU D 185 19.48 18.61 4.65
CA LEU D 185 19.36 17.69 3.53
C LEU D 185 20.36 17.88 2.41
N PRO D 186 20.68 19.12 1.94
CA PRO D 186 21.71 19.23 0.90
C PRO D 186 23.03 18.57 1.28
N LEU D 187 23.33 18.51 2.58
CA LEU D 187 24.55 17.94 3.13
C LEU D 187 24.50 16.42 3.32
N VAL D 188 23.30 15.83 3.25
CA VAL D 188 23.11 14.41 3.37
C VAL D 188 23.08 13.79 1.97
N LEU D 189 22.25 14.36 1.06
CA LEU D 189 22.06 13.84 -0.30
C LEU D 189 23.14 14.21 -1.31
N GLY D 190 23.78 15.34 -1.10
CA GLY D 190 24.71 15.88 -2.07
C GLY D 190 23.92 16.70 -3.10
N PRO D 191 24.60 17.60 -3.79
CA PRO D 191 23.90 18.47 -4.74
C PRO D 191 23.04 17.78 -5.82
N THR D 192 23.56 16.73 -6.51
CA THR D 192 22.82 16.08 -7.59
C THR D 192 21.54 15.41 -7.08
N ALA D 193 21.64 14.58 -6.02
CA ALA D 193 20.45 13.94 -5.47
C ALA D 193 19.49 14.97 -4.87
N MET D 194 20.03 16.05 -4.30
CA MET D 194 19.21 17.13 -3.77
C MET D 194 18.33 17.75 -4.88
N ARG D 195 18.92 17.95 -6.06
CA ARG D 195 18.20 18.55 -7.19
C ARG D 195 17.19 17.54 -7.76
N LYS D 196 17.58 16.25 -7.83
CA LYS D 196 16.79 15.15 -8.38
C LYS D 196 15.55 14.87 -7.53
N TYR D 197 15.73 14.78 -6.20
CA TYR D 197 14.66 14.42 -5.26
C TYR D 197 13.95 15.59 -4.62
N LEU D 198 14.65 16.71 -4.47
CA LEU D 198 14.05 17.89 -3.88
C LEU D 198 14.17 19.10 -4.78
N PRO D 199 13.50 19.07 -5.94
CA PRO D 199 13.51 20.24 -6.79
C PRO D 199 12.75 21.38 -6.10
N THR D 200 13.13 22.61 -6.45
CA THR D 200 12.58 23.88 -5.99
C THR D 200 11.07 23.86 -5.76
N TYR D 201 10.66 23.90 -4.48
CA TYR D 201 9.25 23.86 -4.05
C TYR D 201 8.34 24.78 -4.84
N ARG D 202 7.28 24.23 -5.43
CA ARG D 202 6.32 25.08 -6.16
C ARG D 202 5.10 25.45 -5.25
N SER D 203 4.42 24.42 -4.78
CA SER D 203 3.26 24.58 -3.93
C SER D 203 2.71 23.25 -3.46
N TYR D 204 1.85 23.31 -2.44
CA TYR D 204 1.15 22.16 -1.89
C TYR D 204 0.45 21.33 -3.01
N ASN D 205 0.48 20.02 -2.87
CA ASN D 205 -0.19 19.11 -3.80
C ASN D 205 -0.94 18.08 -2.96
N ASP D 206 -2.25 18.24 -2.77
CA ASP D 206 -3.05 17.36 -1.89
C ASP D 206 -3.13 15.87 -2.32
N SER D 207 -2.62 15.53 -3.49
CA SER D 207 -2.54 14.15 -3.95
C SER D 207 -1.21 13.47 -3.58
N VAL D 208 -0.31 14.17 -2.85
CA VAL D 208 0.98 13.64 -2.40
C VAL D 208 0.77 13.05 -1.02
N ASP D 209 1.13 11.76 -0.82
CA ASP D 209 0.98 11.05 0.45
C ASP D 209 2.09 11.47 1.42
N PRO D 210 1.73 12.10 2.55
CA PRO D 210 2.77 12.55 3.47
C PRO D 210 3.18 11.50 4.51
N ARG D 211 2.75 10.23 4.37
CA ARG D 211 3.11 9.22 5.37
C ARG D 211 4.60 8.86 5.35
N ILE D 212 5.09 8.32 6.45
CA ILE D 212 6.44 7.81 6.50
C ILE D 212 6.36 6.40 5.98
N ALA D 213 7.17 6.06 4.96
CA ALA D 213 7.19 4.68 4.45
C ALA D 213 7.92 3.81 5.50
N ASN D 214 7.53 2.54 5.60
CA ASN D 214 8.13 1.63 6.55
C ASN D 214 9.66 1.57 6.40
N VAL D 215 10.16 1.46 5.16
CA VAL D 215 11.58 1.40 4.88
C VAL D 215 12.34 2.60 5.42
N PHE D 216 11.77 3.82 5.38
CA PHE D 216 12.45 5.03 5.84
C PHE D 216 12.84 4.91 7.30
N THR D 217 11.98 4.30 8.14
CA THR D 217 12.31 4.08 9.55
C THR D 217 13.65 3.35 9.73
N ASN D 218 14.05 2.52 8.76
CA ASN D 218 15.33 1.81 8.84
C ASN D 218 16.40 2.53 8.04
N ALA D 219 16.07 2.99 6.85
CA ALA D 219 17.00 3.70 5.98
C ALA D 219 17.60 4.97 6.64
N PHE D 220 16.76 5.79 7.32
CA PHE D 220 17.25 6.99 8.01
C PHE D 220 18.18 6.68 9.20
N ARG D 221 18.28 5.41 9.59
CA ARG D 221 19.20 5.03 10.66
C ARG D 221 20.67 5.13 10.19
N TYR D 222 20.95 5.55 8.93
CA TYR D 222 22.29 5.80 8.41
C TYR D 222 23.09 6.69 9.39
N GLY D 223 22.36 7.58 10.12
CA GLY D 223 22.93 8.50 11.08
C GLY D 223 23.78 7.83 12.13
N HIS D 224 23.56 6.51 12.33
CA HIS D 224 24.35 5.69 13.24
C HIS D 224 25.84 5.63 12.81
N THR D 225 26.14 5.84 11.52
CA THR D 225 27.52 5.87 11.00
C THR D 225 28.23 7.21 11.31
N LEU D 226 27.48 8.25 11.64
CA LEU D 226 28.05 9.55 11.99
C LEU D 226 28.36 9.67 13.50
N ILE D 227 27.80 8.77 14.32
CA ILE D 227 27.93 8.79 15.76
C ILE D 227 29.37 8.59 16.21
N GLN D 228 29.92 9.58 16.95
CA GLN D 228 31.27 9.59 17.53
C GLN D 228 31.22 8.82 18.86
N PRO D 229 32.32 8.20 19.26
CA PRO D 229 32.31 7.40 20.51
C PRO D 229 32.31 8.19 21.81
N PHE D 230 32.31 9.54 21.78
CA PHE D 230 32.35 10.32 23.01
C PHE D 230 31.40 11.51 22.98
N MET D 231 31.11 12.06 24.16
CA MET D 231 30.35 13.29 24.25
C MET D 231 31.40 14.34 24.55
N PHE D 232 31.59 15.29 23.62
CA PHE D 232 32.61 16.31 23.76
C PHE D 232 32.07 17.59 24.45
N ARG D 233 32.65 17.98 25.61
CA ARG D 233 32.21 19.17 26.32
C ARG D 233 33.27 20.28 26.36
N LEU D 234 32.91 21.52 25.98
CA LEU D 234 33.84 22.66 25.89
C LEU D 234 33.49 23.91 26.76
N ASP D 235 34.52 24.58 27.27
CA ASP D 235 34.32 25.74 28.12
C ASP D 235 34.06 27.03 27.29
N ASN D 236 34.06 28.22 27.94
CA ASN D 236 33.83 29.51 27.29
C ASN D 236 34.72 29.73 26.05
N ARG D 237 36.04 29.49 26.20
CA ARG D 237 37.02 29.66 25.12
C ARG D 237 37.23 28.39 24.27
N TYR D 238 36.22 27.52 24.22
CA TYR D 238 36.18 26.27 23.46
C TYR D 238 37.35 25.33 23.74
N GLN D 239 37.61 25.09 25.01
CA GLN D 239 38.67 24.20 25.43
C GLN D 239 38.05 23.05 26.21
N PRO D 240 38.68 21.86 26.22
CA PRO D 240 38.13 20.73 27.00
C PRO D 240 37.63 21.10 28.41
N MET D 241 36.32 21.02 28.65
CA MET D 241 35.69 21.35 29.92
C MET D 241 35.84 20.27 30.97
N GLU D 242 36.33 20.66 32.17
CA GLU D 242 36.48 19.72 33.27
C GLU D 242 35.13 19.42 33.99
N PRO D 243 34.97 18.22 34.61
CA PRO D 243 35.98 17.17 34.89
C PRO D 243 36.03 15.99 33.90
N ASN D 244 35.03 15.91 33.01
CA ASN D 244 34.96 14.84 32.04
C ASN D 244 34.63 15.46 30.67
N PRO D 245 35.64 15.89 29.91
CA PRO D 245 35.36 16.50 28.60
C PRO D 245 35.06 15.46 27.51
N ARG D 246 35.75 14.30 27.55
CA ARG D 246 35.65 13.20 26.58
C ARG D 246 35.02 11.98 27.25
N VAL D 247 33.71 12.03 27.51
CA VAL D 247 32.99 10.94 28.18
C VAL D 247 32.50 9.95 27.16
N PRO D 248 32.69 8.64 27.38
CA PRO D 248 32.19 7.65 26.42
C PRO D 248 30.67 7.68 26.31
N LEU D 249 30.14 7.36 25.13
CA LEU D 249 28.70 7.32 24.91
C LEU D 249 28.04 6.27 25.82
N SER D 250 28.70 5.12 26.10
CA SER D 250 28.15 4.09 26.98
C SER D 250 27.91 4.56 28.43
N ARG D 251 28.53 5.67 28.82
CA ARG D 251 28.34 6.25 30.13
C ARG D 251 27.38 7.44 30.14
N VAL D 252 26.85 7.87 28.96
CA VAL D 252 25.93 9.02 28.83
C VAL D 252 24.52 8.66 28.37
N PHE D 253 24.21 7.41 27.95
CA PHE D 253 22.83 7.07 27.54
C PHE D 253 21.95 7.13 28.76
N PHE D 254 20.83 7.84 28.68
CA PHE D 254 19.91 8.03 29.79
C PHE D 254 20.49 8.84 30.95
N ALA D 255 21.67 9.44 30.78
CA ALA D 255 22.33 10.15 31.86
C ALA D 255 21.90 11.60 32.01
N SER D 256 20.59 11.84 32.21
CA SER D 256 20.07 13.20 32.38
C SER D 256 20.72 13.97 33.53
N TRP D 257 21.31 13.25 34.50
CA TRP D 257 22.01 13.90 35.58
C TRP D 257 23.21 14.75 35.07
N ARG D 258 23.75 14.43 33.86
CA ARG D 258 24.87 15.17 33.28
C ARG D 258 24.51 16.56 32.80
N VAL D 259 23.22 16.78 32.53
CA VAL D 259 22.75 18.09 32.14
C VAL D 259 22.49 18.86 33.42
N VAL D 260 21.71 18.27 34.34
CA VAL D 260 21.30 18.90 35.59
C VAL D 260 22.46 19.24 36.54
N LEU D 261 23.51 18.42 36.56
CA LEU D 261 24.63 18.64 37.48
C LEU D 261 25.97 18.95 36.82
N GLU D 262 26.12 18.75 35.50
CA GLU D 262 27.39 19.05 34.82
C GLU D 262 27.28 20.12 33.71
N GLY D 263 27.32 21.39 34.11
CA GLY D 263 27.34 22.58 33.25
C GLY D 263 26.13 22.92 32.41
N GLY D 264 25.10 22.08 32.47
CA GLY D 264 23.90 22.32 31.68
C GLY D 264 24.13 21.99 30.23
N ILE D 265 23.30 22.57 29.36
CA ILE D 265 23.36 22.33 27.93
C ILE D 265 24.42 23.15 27.19
N ASP D 266 24.96 24.20 27.82
CA ASP D 266 26.00 25.07 27.23
C ASP D 266 27.29 24.31 26.80
N PRO D 267 28.01 23.57 27.69
CA PRO D 267 29.20 22.86 27.22
C PRO D 267 28.90 21.66 26.32
N ILE D 268 27.64 21.17 26.29
CA ILE D 268 27.25 20.07 25.42
C ILE D 268 27.05 20.61 24.00
N LEU D 269 26.26 21.69 23.87
CA LEU D 269 25.99 22.35 22.59
C LEU D 269 27.28 22.92 21.97
N ARG D 270 28.22 23.37 22.82
CA ARG D 270 29.52 23.81 22.33
C ARG D 270 30.36 22.61 21.92
N GLY D 271 29.93 21.37 22.06
CA GLY D 271 30.69 20.24 21.55
C GLY D 271 30.27 19.91 20.14
N LEU D 272 28.98 20.01 19.87
CA LEU D 272 28.34 19.64 18.61
C LEU D 272 28.80 20.54 17.47
N MET D 273 29.02 21.84 17.74
CA MET D 273 29.49 22.80 16.74
C MET D 273 31.00 22.70 16.46
N ALA D 274 31.82 22.55 17.51
CA ALA D 274 33.28 22.57 17.33
C ALA D 274 33.96 21.21 17.14
N THR D 275 33.24 20.09 17.20
CA THR D 275 33.87 18.78 17.03
C THR D 275 33.43 18.18 15.72
N PRO D 276 34.32 17.54 14.93
CA PRO D 276 33.88 16.92 13.68
C PRO D 276 33.17 15.58 13.87
N ALA D 277 32.17 15.32 13.02
CA ALA D 277 31.38 14.10 13.02
C ALA D 277 32.23 12.89 12.59
N LYS D 278 31.78 11.66 12.92
CA LYS D 278 32.50 10.48 12.48
C LYS D 278 32.13 10.27 11.03
N LEU D 279 33.12 10.18 10.13
CA LEU D 279 32.85 9.97 8.71
C LEU D 279 32.65 8.47 8.45
N ASN D 280 31.64 8.12 7.66
CA ASN D 280 31.40 6.72 7.32
C ASN D 280 32.41 6.24 6.24
N ARG D 281 33.14 5.15 6.53
CA ARG D 281 34.09 4.51 5.62
C ARG D 281 33.71 3.03 5.50
N GLN D 282 33.92 2.42 4.33
CA GLN D 282 33.50 1.05 4.06
C GLN D 282 34.09 -0.01 5.04
N ASN D 283 35.15 0.37 5.77
CA ASN D 283 35.82 -0.48 6.77
C ASN D 283 35.72 0.09 8.19
N GLN D 284 34.90 1.13 8.40
CA GLN D 284 34.73 1.84 9.66
C GLN D 284 33.27 2.30 9.74
N ILE D 285 32.32 1.37 9.66
CA ILE D 285 30.90 1.73 9.60
C ILE D 285 30.32 2.31 10.94
N ALA D 286 30.53 1.65 12.10
CA ALA D 286 30.00 2.17 13.39
C ALA D 286 30.87 1.82 14.58
N VAL D 287 30.94 2.76 15.52
CA VAL D 287 31.74 2.62 16.73
C VAL D 287 31.20 1.56 17.69
N ASP D 288 32.11 0.98 18.49
CA ASP D 288 31.76 -0.05 19.46
C ASP D 288 31.05 0.52 20.71
N GLU D 289 30.93 1.86 20.87
CA GLU D 289 30.14 2.41 21.97
C GLU D 289 28.64 2.15 21.71
N ILE D 290 28.23 2.02 20.43
CA ILE D 290 26.86 1.68 20.03
C ILE D 290 26.77 0.23 19.53
N ARG D 291 27.88 -0.31 19.00
CA ARG D 291 27.93 -1.66 18.48
C ARG D 291 28.17 -2.71 19.55
N GLU D 292 28.71 -2.32 20.72
CA GLU D 292 29.04 -3.27 21.77
C GLU D 292 28.52 -2.84 23.14
N ARG D 293 28.33 -1.54 23.38
CA ARG D 293 27.92 -1.10 24.72
C ARG D 293 26.71 -0.18 24.75
N LEU D 294 25.81 -0.32 23.79
CA LEU D 294 24.60 0.49 23.75
C LEU D 294 23.72 0.18 24.97
N PHE D 295 23.44 1.21 25.79
CA PHE D 295 22.62 1.11 27.00
C PHE D 295 23.23 0.13 27.99
N GLU D 296 24.57 0.12 28.17
CA GLU D 296 25.20 -0.88 29.02
C GLU D 296 25.08 -0.58 30.50
N GLN D 297 24.82 0.67 30.89
CA GLN D 297 24.69 1.02 32.31
C GLN D 297 23.28 0.71 32.85
N VAL D 298 22.27 0.73 31.97
CA VAL D 298 20.86 0.65 32.34
C VAL D 298 20.17 -0.67 31.98
N MET D 299 20.94 -1.67 31.52
CA MET D 299 20.37 -2.91 31.05
C MET D 299 21.16 -4.15 31.48
N ARG D 300 20.54 -5.34 31.35
CA ARG D 300 21.20 -6.58 31.69
C ARG D 300 22.41 -6.87 30.81
N ILE D 301 22.41 -6.38 29.56
CA ILE D 301 23.50 -6.56 28.62
C ILE D 301 23.63 -5.29 27.70
N GLY D 302 24.81 -5.09 27.13
CA GLY D 302 25.04 -3.98 26.21
C GLY D 302 24.55 -4.41 24.85
N LEU D 303 23.71 -3.59 24.20
CA LEU D 303 23.12 -3.90 22.89
C LEU D 303 24.04 -3.54 21.71
N ASP D 304 23.74 -4.07 20.53
CA ASP D 304 24.50 -3.81 19.31
C ASP D 304 23.52 -3.07 18.39
N LEU D 305 23.52 -1.72 18.38
CA LEU D 305 22.59 -0.94 17.57
C LEU D 305 22.56 -1.36 16.08
N PRO D 306 23.71 -1.56 15.38
CA PRO D 306 23.64 -2.01 13.98
C PRO D 306 22.95 -3.35 13.82
N ALA D 307 23.09 -4.28 14.78
CA ALA D 307 22.42 -5.59 14.67
C ALA D 307 20.92 -5.42 14.91
N LEU D 308 20.53 -4.53 15.83
CA LEU D 308 19.12 -4.23 16.08
C LEU D 308 18.48 -3.65 14.84
N ASN D 309 19.22 -2.81 14.11
CA ASN D 309 18.79 -2.19 12.85
C ASN D 309 18.45 -3.28 11.84
N MET D 310 19.26 -4.33 11.75
CA MET D 310 19.02 -5.42 10.83
C MET D 310 17.91 -6.35 11.29
N GLN D 311 17.84 -6.69 12.57
CA GLN D 311 16.76 -7.51 13.11
C GLN D 311 15.42 -6.78 12.94
N ARG D 312 15.40 -5.46 13.20
CA ARG D 312 14.23 -4.60 13.02
C ARG D 312 13.74 -4.58 11.56
N SER D 313 14.66 -4.53 10.59
CA SER D 313 14.28 -4.57 9.18
C SER D 313 13.62 -5.91 8.85
N ARG D 314 14.05 -7.02 9.50
CA ARG D 314 13.48 -8.35 9.33
C ARG D 314 12.11 -8.42 9.99
N ASP D 315 11.99 -7.87 11.19
CA ASP D 315 10.75 -7.78 11.95
C ASP D 315 9.70 -7.02 11.09
N HIS D 316 10.13 -5.91 10.46
CA HIS D 316 9.25 -5.09 9.62
C HIS D 316 9.03 -5.68 8.21
N GLY D 317 9.52 -6.89 7.97
CA GLY D 317 9.42 -7.60 6.71
C GLY D 317 9.90 -6.79 5.55
N LEU D 318 10.95 -6.00 5.73
CA LEU D 318 11.41 -5.12 4.64
C LEU D 318 12.17 -5.92 3.63
N PRO D 319 11.86 -5.74 2.34
CA PRO D 319 12.62 -6.42 1.28
C PRO D 319 14.14 -6.18 1.36
N GLY D 320 14.93 -7.04 0.73
CA GLY D 320 16.38 -6.91 0.74
C GLY D 320 16.92 -5.80 -0.15
N TYR D 321 18.24 -5.71 -0.22
CA TYR D 321 19.01 -4.72 -0.96
C TYR D 321 18.64 -4.59 -2.44
N ASN D 322 18.74 -5.67 -3.26
CA ASN D 322 18.44 -5.57 -4.69
C ASN D 322 17.00 -5.16 -4.99
N ALA D 323 16.05 -5.52 -4.10
CA ALA D 323 14.66 -5.12 -4.28
C ALA D 323 14.52 -3.59 -4.21
N TRP D 324 15.23 -2.97 -3.26
CA TRP D 324 15.21 -1.52 -3.11
C TRP D 324 16.00 -0.82 -4.22
N ARG D 325 17.08 -1.47 -4.71
CA ARG D 325 17.85 -0.93 -5.82
C ARG D 325 16.96 -0.82 -7.04
N ARG D 326 16.13 -1.85 -7.29
CA ARG D 326 15.20 -1.88 -8.42
C ARG D 326 14.13 -0.81 -8.27
N PHE D 327 13.64 -0.64 -7.04
CA PHE D 327 12.62 0.34 -6.71
C PHE D 327 13.13 1.74 -7.03
N CYS D 328 14.38 2.03 -6.71
CA CYS D 328 14.97 3.34 -6.96
C CYS D 328 15.44 3.59 -8.41
N GLY D 329 15.33 2.58 -9.26
CA GLY D 329 15.79 2.68 -10.63
C GLY D 329 17.28 2.45 -10.78
N LEU D 330 17.92 1.84 -9.77
CA LEU D 330 19.35 1.52 -9.71
C LEU D 330 19.60 0.07 -10.13
N PRO D 331 20.80 -0.24 -10.68
CA PRO D 331 21.10 -1.63 -11.09
C PRO D 331 21.25 -2.59 -9.91
N GLN D 332 20.86 -3.87 -10.11
CA GLN D 332 20.90 -4.87 -9.05
C GLN D 332 21.99 -5.90 -9.24
N PRO D 333 23.09 -5.80 -8.47
CA PRO D 333 24.17 -6.79 -8.60
C PRO D 333 23.78 -8.22 -8.18
N GLU D 334 24.17 -9.22 -8.96
CA GLU D 334 23.85 -10.62 -8.68
C GLU D 334 25.08 -11.36 -8.18
N THR D 335 26.20 -11.12 -8.87
CA THR D 335 27.49 -11.74 -8.63
C THR D 335 28.32 -10.89 -7.68
N VAL D 336 29.29 -11.50 -7.00
CA VAL D 336 30.19 -10.77 -6.10
C VAL D 336 30.96 -9.66 -6.88
N GLY D 337 31.33 -9.98 -8.13
CA GLY D 337 32.05 -9.09 -9.04
C GLY D 337 31.23 -7.86 -9.34
N GLN D 338 29.91 -8.06 -9.56
CA GLN D 338 29.00 -6.95 -9.81
C GLN D 338 28.85 -6.12 -8.56
N LEU D 339 28.71 -6.76 -7.42
CA LEU D 339 28.58 -6.06 -6.15
C LEU D 339 29.81 -5.21 -5.82
N GLY D 340 30.99 -5.74 -6.16
CA GLY D 340 32.28 -5.09 -5.98
C GLY D 340 32.40 -3.84 -6.82
N THR D 341 31.79 -3.85 -8.02
CA THR D 341 31.80 -2.69 -8.89
C THR D 341 30.89 -1.64 -8.27
N VAL D 342 29.69 -2.02 -7.82
CA VAL D 342 28.76 -1.09 -7.17
C VAL D 342 29.44 -0.43 -5.95
N LEU D 343 30.08 -1.24 -5.12
CA LEU D 343 30.72 -0.73 -3.90
C LEU D 343 32.10 -0.13 -4.10
N ARG D 344 32.67 -0.24 -5.32
CA ARG D 344 34.05 0.18 -5.62
C ARG D 344 35.02 -0.48 -4.62
N ASN D 345 34.71 -1.73 -4.24
CA ASN D 345 35.39 -2.46 -3.19
C ASN D 345 35.04 -3.92 -3.34
N LEU D 346 35.95 -4.71 -3.92
CA LEU D 346 35.68 -6.13 -4.06
C LEU D 346 35.77 -6.86 -2.73
N LYS D 347 36.65 -6.39 -1.81
CA LYS D 347 36.82 -6.97 -0.49
C LYS D 347 35.56 -6.82 0.39
N LEU D 348 34.90 -5.67 0.33
CA LEU D 348 33.65 -5.49 1.07
C LEU D 348 32.56 -6.39 0.44
N ALA D 349 32.58 -6.53 -0.89
CA ALA D 349 31.64 -7.37 -1.60
C ALA D 349 31.83 -8.83 -1.18
N ARG D 350 33.10 -9.33 -1.14
CA ARG D 350 33.45 -10.69 -0.72
C ARG D 350 32.98 -10.95 0.72
N LYS D 351 33.01 -9.90 1.58
CA LYS D 351 32.57 -9.96 2.97
C LYS D 351 31.04 -10.07 3.06
N LEU D 352 30.32 -9.20 2.33
CA LEU D 352 28.87 -9.19 2.30
C LEU D 352 28.32 -10.47 1.71
N MET D 353 28.95 -10.97 0.65
CA MET D 353 28.54 -12.24 0.02
C MET D 353 28.72 -13.44 0.97
N GLU D 354 29.75 -13.42 1.85
CA GLU D 354 30.06 -14.48 2.82
C GLU D 354 28.91 -14.67 3.81
N GLN D 355 28.25 -13.57 4.22
CA GLN D 355 27.14 -13.64 5.13
C GLN D 355 25.80 -13.92 4.42
N TYR D 356 25.44 -13.05 3.48
CA TYR D 356 24.14 -13.07 2.83
C TYR D 356 23.94 -14.09 1.76
N GLY D 357 25.01 -14.42 1.06
CA GLY D 357 24.91 -15.41 -0.02
C GLY D 357 24.58 -14.76 -1.33
N THR D 358 23.60 -13.84 -1.31
CA THR D 358 23.17 -13.11 -2.48
C THR D 358 22.95 -11.63 -2.17
N PRO D 359 23.27 -10.72 -3.10
CA PRO D 359 22.99 -9.30 -2.86
C PRO D 359 21.49 -9.00 -2.66
N ASN D 360 20.61 -9.97 -3.03
CA ASN D 360 19.17 -9.85 -2.83
C ASN D 360 18.83 -9.86 -1.34
N ASN D 361 19.62 -10.59 -0.51
CA ASN D 361 19.35 -10.76 0.92
C ASN D 361 19.97 -9.73 1.82
N ILE D 362 20.89 -8.90 1.32
CA ILE D 362 21.56 -7.90 2.16
C ILE D 362 20.52 -6.97 2.81
N ASP D 363 20.47 -6.90 4.15
CA ASP D 363 19.52 -6.05 4.87
C ASP D 363 19.64 -4.60 4.43
N ILE D 364 18.51 -3.93 4.14
CA ILE D 364 18.48 -2.53 3.66
C ILE D 364 19.46 -1.59 4.39
N TRP D 365 19.66 -1.76 5.72
CA TRP D 365 20.58 -0.88 6.45
C TRP D 365 22.02 -1.21 6.11
N MET D 366 22.36 -2.50 6.09
CA MET D 366 23.72 -2.90 5.79
C MET D 366 24.12 -2.50 4.36
N GLY D 367 23.24 -2.78 3.41
CA GLY D 367 23.49 -2.41 2.02
C GLY D 367 23.53 -0.91 1.84
N GLY D 368 22.63 -0.22 2.51
CA GLY D 368 22.55 1.23 2.41
C GLY D 368 23.83 1.94 2.78
N VAL D 369 24.35 1.61 3.96
CA VAL D 369 25.58 2.23 4.49
C VAL D 369 26.89 1.66 3.89
N SER D 370 26.79 0.64 3.04
CA SER D 370 27.98 0.06 2.42
C SER D 370 28.39 0.77 1.12
N GLU D 371 27.48 1.54 0.50
CA GLU D 371 27.72 2.21 -0.77
C GLU D 371 28.62 3.40 -0.68
N PRO D 372 29.43 3.68 -1.71
CA PRO D 372 30.25 4.90 -1.67
C PRO D 372 29.39 6.16 -1.57
N LEU D 373 29.85 7.15 -0.82
CA LEU D 373 29.08 8.38 -0.62
C LEU D 373 29.00 9.32 -1.86
N LYS D 374 27.80 9.81 -2.18
CA LYS D 374 27.56 10.76 -3.27
C LYS D 374 28.44 12.02 -3.08
N ARG D 375 28.89 12.68 -4.18
CA ARG D 375 29.73 13.89 -4.10
C ARG D 375 29.05 14.96 -3.22
N LYS D 376 29.82 15.50 -2.25
CA LYS D 376 29.37 16.48 -1.25
C LYS D 376 28.11 16.01 -0.46
N GLY D 377 28.00 14.69 -0.33
CA GLY D 377 26.94 14.02 0.41
C GLY D 377 27.50 12.99 1.38
N ARG D 378 26.61 12.45 2.26
CA ARG D 378 27.05 11.46 3.25
C ARG D 378 26.25 10.15 3.19
N VAL D 379 25.52 9.91 2.09
CA VAL D 379 24.79 8.67 1.83
C VAL D 379 25.07 8.22 0.39
N GLY D 380 24.93 6.92 0.14
CA GLY D 380 25.09 6.36 -1.18
C GLY D 380 23.86 6.59 -2.03
N PRO D 381 23.90 6.16 -3.30
CA PRO D 381 22.74 6.35 -4.19
C PRO D 381 21.41 5.76 -3.69
N LEU D 382 21.39 4.54 -3.11
CA LEU D 382 20.16 3.89 -2.61
C LEU D 382 19.53 4.66 -1.47
N LEU D 383 20.31 4.97 -0.41
CA LEU D 383 19.79 5.74 0.70
C LEU D 383 19.41 7.15 0.26
N ALA D 384 20.18 7.78 -0.66
CA ALA D 384 19.80 9.12 -1.16
C ALA D 384 18.42 9.12 -1.82
N CYS D 385 18.01 7.98 -2.37
CA CYS D 385 16.72 7.85 -2.99
C CYS D 385 15.63 7.68 -1.97
N ILE D 386 15.86 6.84 -0.98
CA ILE D 386 14.85 6.60 0.04
C ILE D 386 14.62 7.86 0.88
N ILE D 387 15.71 8.43 1.37
CA ILE D 387 15.65 9.63 2.17
C ILE D 387 15.13 10.81 1.36
N GLY D 388 15.55 10.93 0.11
CA GLY D 388 15.10 12.01 -0.75
C GLY D 388 13.62 11.96 -1.06
N THR D 389 13.13 10.77 -1.43
CA THR D 389 11.72 10.56 -1.77
C THR D 389 10.86 10.86 -0.59
N GLN D 390 11.27 10.38 0.61
CA GLN D 390 10.51 10.62 1.80
C GLN D 390 10.39 12.10 2.10
N PHE D 391 11.51 12.82 2.15
CA PHE D 391 11.48 14.24 2.45
C PHE D 391 10.69 15.07 1.44
N ARG D 392 10.65 14.69 0.14
CA ARG D 392 9.84 15.43 -0.83
C ARG D 392 8.36 15.29 -0.49
N LYS D 393 7.91 14.07 -0.21
CA LYS D 393 6.52 13.77 0.16
C LYS D 393 6.08 14.54 1.42
N LEU D 394 7.01 14.69 2.40
CA LEU D 394 6.75 15.45 3.62
C LEU D 394 6.59 16.95 3.31
N ARG D 395 7.25 17.44 2.27
CA ARG D 395 7.26 18.84 1.87
C ARG D 395 6.08 19.18 0.97
N ASP D 396 5.89 18.49 -0.17
CA ASP D 396 4.75 18.78 -1.08
C ASP D 396 3.39 18.29 -0.57
N GLY D 397 3.39 17.39 0.40
CA GLY D 397 2.19 16.85 0.99
C GLY D 397 1.87 17.42 2.36
N ASP D 398 2.47 18.57 2.71
CA ASP D 398 2.16 19.21 3.98
C ASP D 398 1.39 20.45 3.64
N ARG D 399 0.18 20.54 4.14
CA ARG D 399 -0.66 21.69 3.90
C ARG D 399 -0.21 22.92 4.68
N PHE D 400 0.49 22.73 5.80
CA PHE D 400 1.01 23.83 6.59
C PHE D 400 2.50 24.02 6.40
N TRP D 401 3.03 23.66 5.21
CA TRP D 401 4.45 23.83 4.87
C TRP D 401 4.71 25.33 4.88
N TRP D 402 5.74 25.77 5.60
CA TRP D 402 5.98 27.19 5.83
C TRP D 402 5.93 28.08 4.58
N GLU D 403 6.33 27.54 3.42
CA GLU D 403 6.37 28.29 2.17
C GLU D 403 5.06 28.31 1.42
N ASN D 404 4.12 27.43 1.76
CA ASN D 404 2.84 27.34 1.07
C ASN D 404 2.07 28.67 1.19
N GLU D 405 1.42 29.11 0.10
CA GLU D 405 0.65 30.36 0.12
C GLU D 405 -0.47 30.29 1.14
N GLY D 406 -0.60 31.34 1.94
CA GLY D 406 -1.61 31.38 2.98
C GLY D 406 -1.09 31.02 4.35
N VAL D 407 -0.06 30.13 4.43
CA VAL D 407 0.50 29.75 5.73
C VAL D 407 1.13 30.98 6.39
N PHE D 408 2.04 31.67 5.68
CA PHE D 408 2.65 32.88 6.24
C PHE D 408 2.50 34.10 5.32
N SER D 409 2.61 35.32 5.91
CA SER D 409 2.57 36.53 5.10
C SER D 409 3.90 36.65 4.35
N MET D 410 3.93 37.39 3.21
CA MET D 410 5.17 37.54 2.42
C MET D 410 6.31 38.04 3.31
N GLN D 411 5.98 39.02 4.19
CA GLN D 411 6.85 39.67 5.16
C GLN D 411 7.29 38.69 6.25
N GLN D 412 6.38 37.81 6.74
CA GLN D 412 6.74 36.80 7.73
C GLN D 412 7.71 35.81 7.14
N ARG D 413 7.54 35.44 5.86
CA ARG D 413 8.44 34.51 5.18
C ARG D 413 9.80 35.16 4.97
N GLN D 414 9.81 36.46 4.59
CA GLN D 414 11.06 37.17 4.41
C GLN D 414 11.85 37.23 5.75
N ALA D 415 11.13 37.32 6.89
CA ALA D 415 11.74 37.33 8.23
C ALA D 415 12.23 35.91 8.61
N LEU D 416 11.40 34.86 8.38
CA LEU D 416 11.71 33.46 8.67
C LEU D 416 12.94 32.98 7.92
N ALA D 417 13.19 33.52 6.73
CA ALA D 417 14.34 33.14 5.93
C ALA D 417 15.67 33.50 6.57
N GLN D 418 15.70 34.50 7.46
CA GLN D 418 16.95 34.90 8.10
C GLN D 418 17.26 34.10 9.39
N ILE D 419 16.52 33.00 9.64
CA ILE D 419 16.78 32.18 10.82
C ILE D 419 17.90 31.21 10.54
N SER D 420 18.63 30.85 11.59
CA SER D 420 19.72 29.87 11.50
C SER D 420 19.83 29.19 12.86
N LEU D 421 20.27 27.92 12.89
CA LEU D 421 20.46 27.22 14.17
C LEU D 421 21.48 27.96 15.07
N PRO D 422 22.64 28.46 14.57
CA PRO D 422 23.53 29.22 15.43
C PRO D 422 22.86 30.41 16.11
N ARG D 423 21.99 31.17 15.39
CA ARG D 423 21.30 32.31 16.04
C ARG D 423 20.41 31.83 17.15
N ILE D 424 19.70 30.72 16.94
CA ILE D 424 18.81 30.17 17.97
C ILE D 424 19.57 29.85 19.25
N ILE D 425 20.82 29.40 19.11
CA ILE D 425 21.70 29.10 20.23
C ILE D 425 22.06 30.41 20.96
N CYS D 426 22.35 31.49 20.23
CA CYS D 426 22.68 32.78 20.84
C CYS D 426 21.53 33.25 21.71
N ASP D 427 20.33 33.22 21.13
CA ASP D 427 19.14 33.69 21.81
C ASP D 427 18.76 32.92 23.06
N ASN D 428 18.90 31.59 23.01
CA ASN D 428 18.45 30.75 24.12
C ASN D 428 19.53 30.18 25.01
N THR D 429 20.78 30.67 24.92
CA THR D 429 21.88 30.18 25.78
C THR D 429 22.89 31.30 26.12
N GLY D 430 23.80 31.02 27.05
CA GLY D 430 24.87 31.96 27.37
C GLY D 430 26.07 31.83 26.44
N ILE D 431 25.91 31.04 25.32
CA ILE D 431 26.96 30.84 24.33
C ILE D 431 27.15 32.13 23.53
N THR D 432 28.33 32.77 23.65
CA THR D 432 28.66 34.04 23.00
C THR D 432 29.20 33.87 21.57
N THR D 433 29.91 32.77 21.31
CA THR D 433 30.51 32.53 20.01
C THR D 433 29.99 31.24 19.41
N VAL D 434 29.27 31.36 18.28
CA VAL D 434 28.65 30.22 17.60
C VAL D 434 29.22 29.94 16.18
N SER D 435 28.81 28.82 15.55
CA SER D 435 29.21 28.35 14.22
C SER D 435 28.85 29.29 13.06
N LYS D 436 29.72 29.41 12.07
CA LYS D 436 29.44 30.19 10.86
C LYS D 436 28.66 29.25 9.93
N ASN D 437 27.53 29.72 9.37
CA ASN D 437 26.70 28.89 8.50
C ASN D 437 27.46 28.42 7.26
N ASN D 438 27.31 27.15 6.84
CA ASN D 438 26.44 26.09 7.36
C ASN D 438 26.93 25.59 8.73
N ILE D 439 26.01 25.49 9.72
CA ILE D 439 26.37 25.01 11.05
C ILE D 439 26.77 23.51 11.02
N PHE D 440 26.14 22.73 10.13
CA PHE D 440 26.42 21.31 9.96
C PHE D 440 27.78 21.03 9.28
N MET D 441 28.35 22.03 8.59
CA MET D 441 29.65 21.90 7.95
C MET D 441 30.77 22.48 8.84
N SER D 442 30.47 23.61 9.50
CA SER D 442 31.43 24.26 10.39
C SER D 442 31.73 23.36 11.57
N ASN D 443 33.01 22.92 11.68
CA ASN D 443 33.44 22.02 12.74
C ASN D 443 34.81 22.35 13.29
N SER D 444 35.34 23.57 13.06
CA SER D 444 36.68 23.90 13.53
C SER D 444 36.75 25.21 14.27
N TYR D 445 37.37 25.20 15.45
CA TYR D 445 37.51 26.40 16.25
C TYR D 445 38.97 26.86 16.19
N PRO D 446 39.21 28.17 15.99
CA PRO D 446 38.22 29.25 15.80
C PRO D 446 37.92 29.58 14.32
N ARG D 447 38.45 28.78 13.37
CA ARG D 447 38.33 28.99 11.93
C ARG D 447 36.91 29.21 11.46
N ASP D 448 35.99 28.39 11.92
CA ASP D 448 34.59 28.45 11.51
C ASP D 448 33.67 29.06 12.56
N PHE D 449 34.22 29.85 13.50
CA PHE D 449 33.39 30.43 14.56
C PHE D 449 33.33 31.94 14.50
N VAL D 450 32.16 32.51 14.81
CA VAL D 450 31.88 33.96 14.82
C VAL D 450 31.20 34.38 16.15
N ASN D 451 31.15 35.71 16.44
CA ASN D 451 30.46 36.18 17.65
C ASN D 451 28.98 36.37 17.31
N CYS D 452 28.12 36.22 18.32
CA CYS D 452 26.67 36.30 18.10
C CYS D 452 26.17 37.67 17.63
N SER D 453 26.87 38.76 18.00
CA SER D 453 26.48 40.10 17.55
C SER D 453 26.55 40.24 16.00
N THR D 454 27.20 39.30 15.30
CA THR D 454 27.26 39.33 13.83
C THR D 454 26.01 38.70 13.21
N LEU D 455 25.42 37.71 13.89
CA LEU D 455 24.20 37.03 13.44
C LEU D 455 23.00 37.85 13.90
N PRO D 456 22.16 38.30 12.96
CA PRO D 456 20.96 39.05 13.38
C PRO D 456 19.85 38.10 13.82
N ALA D 457 19.06 38.54 14.80
CA ALA D 457 17.97 37.72 15.34
C ALA D 457 16.67 37.83 14.49
N LEU D 458 15.67 36.96 14.73
CA LEU D 458 14.41 37.01 14.00
C LEU D 458 13.58 38.20 14.46
N ASN D 459 13.26 39.10 13.54
CA ASN D 459 12.45 40.28 13.81
C ASN D 459 10.99 39.90 13.60
N LEU D 460 10.24 39.85 14.70
CA LEU D 460 8.83 39.47 14.64
C LEU D 460 7.89 40.65 14.43
N ALA D 461 8.38 41.76 13.86
CA ALA D 461 7.54 42.93 13.60
C ALA D 461 6.38 42.57 12.67
N SER D 462 6.64 41.75 11.65
CA SER D 462 5.62 41.31 10.70
C SER D 462 4.55 40.38 11.31
N TRP D 463 4.61 40.15 12.63
CA TRP D 463 3.62 39.31 13.31
C TRP D 463 2.60 40.12 14.13
N ARG D 464 2.88 41.41 14.41
CA ARG D 464 1.96 42.20 15.22
C ARG D 464 0.68 42.65 14.50
N GLU D 465 -0.40 42.83 15.29
CA GLU D 465 -1.73 43.28 14.88
C GLU D 465 -2.00 44.67 15.44
#